data_6SEK
#
_entry.id   6SEK
#
_cell.length_a   96.782
_cell.length_b   100.069
_cell.length_c   143.152
_cell.angle_alpha   90.00
_cell.angle_beta   90.00
_cell.angle_gamma   90.00
#
_symmetry.space_group_name_H-M   'P 2 21 21'
#
loop_
_entity.id
_entity.type
_entity.pdbx_description
1 polymer 'Ancestral Flavin-containing monooxygenase 5'
2 non-polymer 'FLAVIN-ADENINE DINUCLEOTIDE'
3 non-polymer 'NADP NICOTINAMIDE-ADENINE-DINUCLEOTIDE PHOSPHATE'
4 non-polymer DODECYL-BETA-D-MALTOSIDE
5 non-polymer '4-(2-HYDROXYETHYL)-1-PIPERAZINE ETHANESULFONIC ACID'
6 non-polymer alpha-D-glucopyranose
7 water water
#
_entity_poly.entity_id   1
_entity_poly.type   'polypeptide(L)'
_entity_poly.pdbx_seq_one_letter_code
;MTKKRIAVIGAGASGLTSIKCCLEEGLEPVCFERTDDIGGLWRFQENPEEGRASIYKSVIINTSKEMMCFSDYPIPDHYP
NFMHNSQVLEYFRMYAKEFDLLKYIQFKTTVCSVKKQPDFSTSGQWEVVTECEGKKEVDVFDGVMVCTGHHTNAHLPLES
FPGIEKFKGQYFHSRDYKNPEGFTGKRVIIIGIGNSGGDLAVEISHTAKQVFLSTRRGAWILNRVGDHGYPFDVLFSSRF
TYFLSKICGQSLSNTFLEKKMNQRFDHEMFGLKPKHRALSQHPTVNDDLPNRIISGLVKVKGNVKEFTETAAIFEDGSRE
DDIDAVIFATGYSFAFPFLEDSVKVVKNKVSLYKKVFPPNLEKPTLAIIGLIQPLGAIMPISELQGRWATQVFKGLKTLP
SQSEMMAEISKAQEEMAKRYVDSQRHTIQGDYIDTMEEIADLVGVRPNLLSLAFTDPKLALKLFFGPCTPVQYRLQGPGK
WDGARKTILTTEDRIRKPLMTRVIEKSNSMTSTMTMGRFMLAVVFFAIIMAYF
;
_entity_poly.pdbx_strand_id   A,B
#
loop_
_chem_comp.id
_chem_comp.type
_chem_comp.name
_chem_comp.formula
EPE non-polymer '4-(2-HYDROXYETHYL)-1-PIPERAZINE ETHANESULFONIC ACID' 'C8 H18 N2 O4 S'
FAD non-polymer 'FLAVIN-ADENINE DINUCLEOTIDE' 'C27 H33 N9 O15 P2'
GLC D-saccharide, alpha linking alpha-D-glucopyranose 'C6 H12 O6'
LMT D-saccharide DODECYL-BETA-D-MALTOSIDE 'C24 H46 O11'
NAP non-polymer 'NADP NICOTINAMIDE-ADENINE-DINUCLEOTIDE PHOSPHATE' 'C21 H28 N7 O17 P3'
#
# COMPACT_ATOMS: atom_id res chain seq x y z
N THR A 2 -4.66 -39.04 -41.30
CA THR A 2 -6.11 -38.90 -40.96
C THR A 2 -6.17 -38.10 -39.65
N LYS A 3 -5.49 -36.94 -39.61
CA LYS A 3 -5.32 -36.09 -38.39
C LYS A 3 -6.64 -35.40 -38.07
N LYS A 4 -7.12 -35.50 -36.83
CA LYS A 4 -8.36 -34.78 -36.41
C LYS A 4 -8.05 -33.27 -36.37
N ARG A 5 -8.93 -32.46 -36.96
CA ARG A 5 -8.81 -30.99 -36.99
C ARG A 5 -9.64 -30.42 -35.84
N ILE A 6 -9.00 -29.65 -34.96
CA ILE A 6 -9.59 -29.04 -33.74
C ILE A 6 -9.64 -27.53 -33.92
N ALA A 7 -10.85 -26.95 -33.89
CA ALA A 7 -11.08 -25.50 -33.80
C ALA A 7 -10.79 -25.02 -32.37
N VAL A 8 -9.81 -24.14 -32.20
CA VAL A 8 -9.60 -23.42 -30.92
C VAL A 8 -10.15 -21.99 -31.08
N ILE A 9 -11.19 -21.66 -30.33
CA ILE A 9 -11.81 -20.31 -30.39
C ILE A 9 -11.23 -19.46 -29.28
N GLY A 10 -10.59 -18.36 -29.63
CA GLY A 10 -9.87 -17.44 -28.72
C GLY A 10 -8.38 -17.77 -28.68
N ALA A 11 -7.55 -16.73 -28.58
CA ALA A 11 -6.08 -16.79 -28.50
C ALA A 11 -5.56 -15.97 -27.32
N GLY A 12 -6.24 -16.05 -26.17
CA GLY A 12 -5.67 -15.70 -24.85
C GLY A 12 -4.87 -16.85 -24.27
N ALA A 13 -4.55 -16.79 -22.99
CA ALA A 13 -3.87 -17.87 -22.23
C ALA A 13 -4.48 -19.22 -22.59
N SER A 14 -5.81 -19.31 -22.66
CA SER A 14 -6.56 -20.58 -22.85
C SER A 14 -6.40 -21.08 -24.29
N GLY A 15 -6.62 -20.18 -25.26
CA GLY A 15 -6.39 -20.47 -26.68
C GLY A 15 -4.96 -20.95 -26.90
N LEU A 16 -3.99 -20.16 -26.48
CA LEU A 16 -2.55 -20.43 -26.71
C LEU A 16 -2.22 -21.84 -26.24
N THR A 17 -2.59 -22.23 -25.01
CA THR A 17 -2.22 -23.54 -24.43
C THR A 17 -3.03 -24.67 -25.11
N SER A 18 -4.28 -24.38 -25.51
CA SER A 18 -5.18 -25.33 -26.21
C SER A 18 -4.58 -25.74 -27.56
N ILE A 19 -3.96 -24.81 -28.29
CA ILE A 19 -3.16 -25.11 -29.52
C ILE A 19 -1.98 -26.02 -29.16
N LYS A 20 -1.14 -25.63 -28.21
CA LYS A 20 0.05 -26.41 -27.80
C LYS A 20 -0.38 -27.83 -27.44
N CYS A 21 -1.49 -27.98 -26.71
CA CYS A 21 -1.97 -29.29 -26.18
C CYS A 21 -2.44 -30.17 -27.34
N CYS A 22 -2.96 -29.56 -28.41
CA CYS A 22 -3.32 -30.23 -29.68
C CYS A 22 -2.04 -30.77 -30.30
N LEU A 23 -1.14 -29.87 -30.73
CA LEU A 23 0.17 -30.22 -31.35
C LEU A 23 0.84 -31.37 -30.60
N GLU A 24 0.77 -31.37 -29.26
CA GLU A 24 1.47 -32.34 -28.38
C GLU A 24 0.82 -33.73 -28.44
N GLU A 25 -0.45 -33.84 -28.83
CA GLU A 25 -1.12 -35.15 -29.03
C GLU A 25 -1.23 -35.41 -30.54
N GLY A 26 -0.58 -34.59 -31.38
CA GLY A 26 -0.49 -34.74 -32.85
C GLY A 26 -1.77 -34.39 -33.59
N LEU A 27 -2.65 -33.56 -33.03
CA LEU A 27 -3.86 -33.01 -33.71
C LEU A 27 -3.49 -31.73 -34.45
N GLU A 28 -4.29 -31.32 -35.45
CA GLU A 28 -4.04 -30.07 -36.21
C GLU A 28 -4.95 -28.99 -35.65
N PRO A 29 -4.39 -27.97 -34.95
CA PRO A 29 -5.19 -26.86 -34.46
C PRO A 29 -5.43 -25.79 -35.52
N VAL A 30 -6.68 -25.45 -35.79
CA VAL A 30 -7.05 -24.14 -36.39
C VAL A 30 -7.54 -23.26 -35.24
N CYS A 31 -6.93 -22.07 -35.06
CA CYS A 31 -7.27 -21.11 -33.99
C CYS A 31 -7.84 -19.84 -34.60
N PHE A 32 -9.11 -19.55 -34.33
CA PHE A 32 -9.81 -18.29 -34.69
C PHE A 32 -9.73 -17.32 -33.50
N GLU A 33 -9.26 -16.10 -33.73
CA GLU A 33 -9.15 -14.99 -32.72
C GLU A 33 -9.72 -13.71 -33.33
N ARG A 34 -10.75 -13.15 -32.71
CA ARG A 34 -11.59 -12.07 -33.30
C ARG A 34 -10.79 -10.77 -33.39
N THR A 35 -9.79 -10.57 -32.53
CA THR A 35 -8.96 -9.33 -32.54
C THR A 35 -7.72 -9.59 -33.39
N ASP A 36 -6.81 -8.61 -33.42
CA ASP A 36 -5.59 -8.62 -34.29
C ASP A 36 -4.35 -9.04 -33.49
N ASP A 37 -4.51 -9.69 -32.35
CA ASP A 37 -3.35 -10.16 -31.55
C ASP A 37 -3.77 -11.16 -30.46
N ILE A 38 -2.78 -11.71 -29.75
CA ILE A 38 -2.94 -12.69 -28.65
C ILE A 38 -3.03 -11.97 -27.31
N GLY A 39 -3.23 -12.73 -26.24
CA GLY A 39 -3.23 -12.25 -24.85
C GLY A 39 -4.64 -12.09 -24.33
N GLY A 40 -5.62 -11.92 -25.22
CA GLY A 40 -7.00 -11.62 -24.83
C GLY A 40 -7.01 -10.55 -23.76
N LEU A 41 -7.36 -10.91 -22.52
CA LEU A 41 -7.64 -9.95 -21.41
C LEU A 41 -6.37 -9.17 -21.02
N TRP A 42 -5.20 -9.79 -21.14
CA TRP A 42 -3.93 -9.18 -20.65
C TRP A 42 -3.27 -8.22 -21.67
N ARG A 43 -3.87 -8.02 -22.85
CA ARG A 43 -3.32 -7.06 -23.85
C ARG A 43 -4.04 -5.73 -23.65
N PHE A 44 -3.53 -4.91 -22.74
CA PHE A 44 -4.05 -3.55 -22.46
C PHE A 44 -4.10 -2.68 -23.71
N GLN A 45 -5.25 -2.05 -23.99
CA GLN A 45 -5.38 -0.96 -24.99
C GLN A 45 -6.12 0.19 -24.30
N GLU A 46 -5.84 1.46 -24.66
CA GLU A 46 -6.38 2.67 -23.98
C GLU A 46 -7.90 2.70 -24.17
N ASN A 47 -8.43 2.15 -25.28
CA ASN A 47 -9.88 2.06 -25.55
C ASN A 47 -10.35 0.62 -25.37
N PRO A 48 -11.58 0.42 -24.86
CA PRO A 48 -12.23 -0.89 -24.91
C PRO A 48 -12.46 -1.36 -26.35
N GLU A 49 -12.36 -2.67 -26.58
CA GLU A 49 -12.58 -3.35 -27.88
C GLU A 49 -13.85 -4.19 -27.76
N GLU A 50 -14.66 -4.22 -28.80
CA GLU A 50 -15.91 -5.03 -28.86
C GLU A 50 -15.57 -6.50 -28.69
N GLY A 51 -16.20 -7.18 -27.72
CA GLY A 51 -16.12 -8.65 -27.59
C GLY A 51 -14.76 -9.17 -27.15
N ARG A 52 -13.94 -8.35 -26.47
CA ARG A 52 -12.75 -8.83 -25.72
C ARG A 52 -12.57 -8.04 -24.44
N ALA A 53 -12.21 -8.74 -23.36
CA ALA A 53 -11.98 -8.17 -22.01
C ALA A 53 -11.16 -6.88 -22.10
N SER A 54 -11.68 -5.82 -21.47
CA SER A 54 -11.01 -4.52 -21.24
C SER A 54 -10.41 -4.54 -19.83
N ILE A 55 -9.17 -4.09 -19.65
CA ILE A 55 -8.58 -3.89 -18.28
C ILE A 55 -8.06 -2.48 -18.13
N TYR A 56 -7.63 -2.09 -16.93
CA TYR A 56 -7.05 -0.75 -16.65
C TYR A 56 -5.52 -0.87 -16.71
N LYS A 57 -4.85 0.25 -16.94
CA LYS A 57 -3.41 0.31 -17.27
C LYS A 57 -2.56 -0.28 -16.14
N SER A 58 -2.94 -0.08 -14.88
CA SER A 58 -2.03 -0.34 -13.71
C SER A 58 -2.13 -1.79 -13.22
N VAL A 59 -3.05 -2.60 -13.75
CA VAL A 59 -3.44 -3.93 -13.20
C VAL A 59 -2.18 -4.77 -13.00
N ILE A 60 -2.01 -5.30 -11.78
CA ILE A 60 -0.93 -6.26 -11.44
C ILE A 60 -1.63 -7.54 -11.04
N ILE A 61 -1.20 -8.66 -11.63
CA ILE A 61 -1.84 -9.99 -11.46
C ILE A 61 -1.71 -10.38 -9.98
N ASN A 62 -2.75 -11.02 -9.43
CA ASN A 62 -2.93 -11.29 -7.98
C ASN A 62 -2.40 -12.69 -7.64
N THR A 63 -1.93 -13.46 -8.63
CA THR A 63 -1.32 -14.80 -8.47
C THR A 63 0.17 -14.75 -8.81
N SER A 64 1.01 -15.25 -7.88
CA SER A 64 2.50 -15.34 -7.92
C SER A 64 2.95 -16.03 -9.23
N LYS A 65 4.09 -15.62 -9.78
CA LYS A 65 4.66 -16.15 -11.05
C LYS A 65 4.87 -17.66 -10.92
N GLU A 66 5.25 -18.13 -9.74
CA GLU A 66 5.59 -19.55 -9.54
C GLU A 66 4.33 -20.40 -9.56
N MET A 67 3.15 -19.79 -9.40
CA MET A 67 1.84 -20.48 -9.21
C MET A 67 0.97 -20.35 -10.46
N MET A 68 1.38 -19.54 -11.44
CA MET A 68 0.56 -19.20 -12.64
C MET A 68 1.28 -19.56 -13.93
N CYS A 69 2.56 -19.96 -13.84
CA CYS A 69 3.36 -20.36 -15.03
C CYS A 69 2.66 -21.57 -15.65
N PHE A 70 2.78 -21.73 -16.96
CA PHE A 70 2.53 -23.01 -17.67
C PHE A 70 3.52 -24.06 -17.15
N SER A 71 3.06 -25.31 -17.05
CA SER A 71 3.70 -26.42 -16.31
C SER A 71 5.10 -26.73 -16.88
N ASP A 72 5.32 -26.47 -18.18
CA ASP A 72 6.55 -26.87 -18.90
C ASP A 72 7.29 -25.65 -19.47
N TYR A 73 7.01 -24.45 -18.95
CA TYR A 73 7.60 -23.16 -19.43
C TYR A 73 7.70 -22.18 -18.28
N PRO A 74 8.73 -22.30 -17.41
CA PRO A 74 8.87 -21.44 -16.24
C PRO A 74 9.02 -19.97 -16.62
N ILE A 75 8.38 -19.08 -15.86
CA ILE A 75 8.51 -17.62 -16.03
C ILE A 75 9.95 -17.26 -15.72
N PRO A 76 10.58 -16.35 -16.51
CA PRO A 76 11.98 -15.97 -16.29
C PRO A 76 12.35 -15.59 -14.87
N ASP A 77 13.56 -15.94 -14.44
CA ASP A 77 14.08 -15.68 -13.07
C ASP A 77 13.81 -14.22 -12.66
N HIS A 78 14.14 -13.27 -13.53
CA HIS A 78 14.23 -11.81 -13.23
C HIS A 78 12.85 -11.16 -13.16
N TYR A 79 11.84 -11.72 -13.82
CA TYR A 79 10.43 -11.27 -13.72
C TYR A 79 10.01 -11.27 -12.25
N PRO A 80 9.30 -10.21 -11.78
CA PRO A 80 8.84 -10.13 -10.40
C PRO A 80 7.78 -11.16 -10.01
N ASN A 81 7.59 -11.37 -8.71
CA ASN A 81 6.71 -12.44 -8.17
C ASN A 81 5.25 -12.16 -8.52
N PHE A 82 4.88 -10.89 -8.59
CA PHE A 82 3.52 -10.44 -9.01
C PHE A 82 3.68 -9.46 -10.17
N MET A 83 3.40 -9.92 -11.38
CA MET A 83 3.76 -9.27 -12.66
C MET A 83 2.70 -8.24 -13.05
N HIS A 84 3.11 -7.15 -13.69
CA HIS A 84 2.22 -6.11 -14.28
C HIS A 84 1.58 -6.72 -15.52
N ASN A 85 0.41 -6.23 -15.93
CA ASN A 85 -0.35 -6.81 -17.08
C ASN A 85 0.57 -6.93 -18.32
N SER A 86 1.45 -5.95 -18.56
CA SER A 86 2.33 -5.95 -19.76
C SER A 86 3.32 -7.12 -19.69
N GLN A 87 3.76 -7.52 -18.49
CA GLN A 87 4.73 -8.64 -18.31
C GLN A 87 4.03 -9.98 -18.49
N VAL A 88 2.80 -10.11 -17.99
CA VAL A 88 1.96 -11.29 -18.30
C VAL A 88 1.95 -11.41 -19.84
N LEU A 89 1.65 -10.30 -20.55
CA LEU A 89 1.46 -10.34 -22.02
C LEU A 89 2.76 -10.81 -22.66
N GLU A 90 3.90 -10.23 -22.24
CA GLU A 90 5.22 -10.57 -22.83
C GLU A 90 5.46 -12.08 -22.66
N TYR A 91 5.24 -12.61 -21.45
CA TYR A 91 5.41 -14.06 -21.14
C TYR A 91 4.57 -14.91 -22.12
N PHE A 92 3.31 -14.52 -22.35
CA PHE A 92 2.45 -15.23 -23.32
C PHE A 92 3.12 -15.21 -24.70
N ARG A 93 3.65 -14.07 -25.12
CA ARG A 93 4.34 -13.94 -26.43
C ARG A 93 5.51 -14.93 -26.49
N MET A 94 6.26 -15.04 -25.39
CA MET A 94 7.41 -15.96 -25.25
C MET A 94 6.93 -17.39 -25.44
N TYR A 95 5.90 -17.80 -24.70
CA TYR A 95 5.24 -19.12 -24.79
C TYR A 95 4.93 -19.44 -26.25
N ALA A 96 4.37 -18.47 -26.98
CA ALA A 96 3.88 -18.66 -28.37
C ALA A 96 5.05 -18.78 -29.35
N LYS A 97 6.19 -18.15 -29.08
CA LYS A 97 7.44 -18.32 -29.87
C LYS A 97 8.05 -19.69 -29.54
N GLU A 98 8.20 -20.05 -28.27
CA GLU A 98 8.87 -21.32 -27.87
C GLU A 98 8.18 -22.53 -28.50
N PHE A 99 6.85 -22.50 -28.68
CA PHE A 99 6.04 -23.66 -29.15
C PHE A 99 5.37 -23.34 -30.49
N ASP A 100 5.74 -22.21 -31.10
CA ASP A 100 5.46 -21.89 -32.53
C ASP A 100 3.96 -22.03 -32.74
N LEU A 101 3.18 -21.23 -32.01
CA LEU A 101 1.70 -21.33 -31.96
C LEU A 101 1.09 -20.31 -32.91
N LEU A 102 1.82 -19.25 -33.25
CA LEU A 102 1.26 -18.05 -33.93
C LEU A 102 0.80 -18.40 -35.35
N LYS A 103 1.50 -19.32 -36.01
CA LYS A 103 1.21 -19.68 -37.43
C LYS A 103 -0.17 -20.34 -37.55
N TYR A 104 -0.64 -21.03 -36.49
CA TYR A 104 -1.96 -21.72 -36.45
C TYR A 104 -3.11 -20.74 -36.17
N ILE A 105 -2.81 -19.51 -35.73
CA ILE A 105 -3.83 -18.45 -35.44
C ILE A 105 -4.14 -17.74 -36.75
N GLN A 106 -5.42 -17.57 -37.09
CA GLN A 106 -5.81 -16.57 -38.11
C GLN A 106 -6.64 -15.50 -37.40
N PHE A 107 -6.08 -14.29 -37.32
CA PHE A 107 -6.62 -13.17 -36.50
C PHE A 107 -7.74 -12.48 -37.27
N LYS A 108 -8.38 -11.50 -36.62
CA LYS A 108 -9.48 -10.67 -37.19
C LYS A 108 -10.66 -11.56 -37.58
N THR A 109 -10.76 -12.76 -37.00
CA THR A 109 -11.76 -13.79 -37.40
C THR A 109 -12.64 -14.15 -36.19
N THR A 110 -13.93 -13.79 -36.25
CA THR A 110 -14.97 -14.04 -35.21
C THR A 110 -15.70 -15.36 -35.49
N VAL A 111 -15.93 -16.21 -34.47
CA VAL A 111 -16.75 -17.46 -34.63
C VAL A 111 -18.20 -17.10 -34.31
N CYS A 112 -19.07 -17.20 -35.33
CA CYS A 112 -20.51 -16.87 -35.24
C CYS A 112 -21.30 -18.09 -34.78
N SER A 113 -21.01 -19.27 -35.31
CA SER A 113 -21.84 -20.49 -35.15
C SER A 113 -20.98 -21.75 -35.02
N VAL A 114 -21.33 -22.61 -34.05
CA VAL A 114 -20.81 -24.01 -33.89
C VAL A 114 -22.05 -24.89 -33.65
N LYS A 115 -22.45 -25.61 -34.70
CA LYS A 115 -23.64 -26.50 -34.74
C LYS A 115 -23.15 -27.93 -34.97
N LYS A 116 -23.63 -28.89 -34.20
CA LYS A 116 -23.34 -30.33 -34.48
C LYS A 116 -23.90 -30.62 -35.87
N GLN A 117 -23.20 -31.43 -36.68
CA GLN A 117 -23.51 -31.67 -38.10
C GLN A 117 -24.61 -32.72 -38.24
N PRO A 118 -25.11 -32.98 -39.47
CA PRO A 118 -26.10 -34.04 -39.71
C PRO A 118 -25.68 -35.40 -39.14
N ASP A 119 -24.42 -35.79 -39.34
CA ASP A 119 -23.88 -37.14 -39.03
C ASP A 119 -23.18 -37.13 -37.66
N PHE A 120 -23.61 -36.25 -36.73
CA PHE A 120 -22.89 -35.97 -35.46
C PHE A 120 -22.91 -37.22 -34.56
N SER A 121 -24.01 -37.97 -34.56
CA SER A 121 -24.21 -39.15 -33.66
C SER A 121 -23.17 -40.26 -33.96
N THR A 122 -22.50 -40.22 -35.12
CA THR A 122 -21.45 -41.19 -35.53
C THR A 122 -20.11 -40.48 -35.80
N SER A 123 -20.12 -39.31 -36.46
CA SER A 123 -18.89 -38.57 -36.89
C SER A 123 -18.36 -37.68 -35.75
N GLY A 124 -19.24 -37.10 -34.93
CA GLY A 124 -18.87 -36.22 -33.79
C GLY A 124 -18.27 -34.90 -34.23
N GLN A 125 -18.71 -34.37 -35.36
CA GLN A 125 -18.04 -33.25 -36.06
C GLN A 125 -18.93 -32.01 -35.98
N TRP A 126 -18.32 -30.82 -36.07
CA TRP A 126 -18.98 -29.51 -35.83
C TRP A 126 -18.89 -28.60 -37.06
N GLU A 127 -19.98 -27.93 -37.38
CA GLU A 127 -20.02 -26.91 -38.45
C GLU A 127 -19.68 -25.56 -37.81
N VAL A 128 -18.43 -25.13 -37.98
CA VAL A 128 -17.90 -23.81 -37.52
C VAL A 128 -18.04 -22.79 -38.65
N VAL A 129 -18.81 -21.72 -38.41
CA VAL A 129 -19.00 -20.56 -39.33
C VAL A 129 -18.26 -19.37 -38.70
N THR A 130 -17.55 -18.59 -39.53
CA THR A 130 -16.57 -17.55 -39.13
C THR A 130 -16.53 -16.43 -40.18
N GLU A 131 -16.76 -15.20 -39.74
CA GLU A 131 -16.72 -13.95 -40.54
C GLU A 131 -15.34 -13.30 -40.34
N CYS A 132 -14.76 -12.75 -41.40
CA CYS A 132 -13.41 -12.12 -41.42
C CYS A 132 -13.39 -10.91 -42.36
N GLU A 133 -13.53 -9.72 -41.78
CA GLU A 133 -13.61 -8.41 -42.49
C GLU A 133 -14.82 -8.45 -43.44
N GLY A 134 -15.94 -9.03 -43.00
CA GLY A 134 -17.23 -9.00 -43.72
C GLY A 134 -17.50 -10.21 -44.59
N LYS A 135 -16.52 -11.11 -44.81
CA LYS A 135 -16.67 -12.31 -45.68
C LYS A 135 -16.84 -13.57 -44.82
N LYS A 136 -17.97 -14.27 -44.96
CA LYS A 136 -18.27 -15.58 -44.31
C LYS A 136 -17.26 -16.67 -44.70
N GLU A 137 -17.26 -17.78 -43.97
CA GLU A 137 -16.48 -19.00 -44.32
C GLU A 137 -17.05 -20.15 -43.47
N VAL A 138 -17.28 -21.31 -44.09
CA VAL A 138 -17.80 -22.51 -43.40
C VAL A 138 -16.71 -23.59 -43.48
N ASP A 139 -16.62 -24.39 -42.44
CA ASP A 139 -15.60 -25.46 -42.32
C ASP A 139 -16.21 -26.53 -41.39
N VAL A 140 -15.68 -27.75 -41.43
CA VAL A 140 -16.07 -28.86 -40.50
C VAL A 140 -14.83 -29.19 -39.66
N PHE A 141 -15.03 -29.61 -38.41
CA PHE A 141 -13.97 -29.96 -37.43
C PHE A 141 -14.38 -31.20 -36.65
N ASP A 142 -13.40 -31.98 -36.20
CA ASP A 142 -13.57 -33.24 -35.45
C ASP A 142 -13.71 -32.96 -33.95
N GLY A 143 -13.35 -31.74 -33.52
CA GLY A 143 -13.52 -31.25 -32.13
C GLY A 143 -13.40 -29.72 -32.05
N VAL A 144 -14.00 -29.13 -31.02
CA VAL A 144 -13.92 -27.66 -30.78
C VAL A 144 -13.51 -27.41 -29.33
N MET A 145 -12.45 -26.63 -29.13
CA MET A 145 -12.02 -26.11 -27.81
C MET A 145 -12.41 -24.62 -27.73
N VAL A 146 -13.33 -24.28 -26.84
CA VAL A 146 -13.87 -22.89 -26.67
C VAL A 146 -13.03 -22.18 -25.62
N CYS A 147 -12.29 -21.17 -26.04
CA CYS A 147 -11.39 -20.34 -25.18
C CYS A 147 -11.74 -18.85 -25.33
N THR A 148 -13.03 -18.52 -25.37
CA THR A 148 -13.54 -17.15 -25.12
C THR A 148 -13.43 -16.95 -23.62
N GLY A 149 -13.32 -15.73 -23.12
CA GLY A 149 -13.08 -15.47 -21.68
C GLY A 149 -14.34 -15.65 -20.83
N HIS A 150 -14.39 -15.11 -19.61
CA HIS A 150 -15.68 -14.84 -18.90
C HIS A 150 -15.66 -13.47 -18.19
N HIS A 151 -14.78 -12.55 -18.62
CA HIS A 151 -14.64 -11.20 -18.00
C HIS A 151 -14.83 -10.14 -19.10
N THR A 152 -15.72 -10.44 -20.05
CA THR A 152 -15.96 -9.63 -21.28
C THR A 152 -17.29 -8.88 -21.18
N ASN A 153 -18.40 -9.58 -20.98
CA ASN A 153 -19.74 -8.97 -21.03
C ASN A 153 -20.06 -8.32 -19.67
N ALA A 154 -20.00 -6.99 -19.60
CA ALA A 154 -20.23 -6.21 -18.36
C ALA A 154 -21.61 -6.53 -17.78
N HIS A 155 -21.66 -6.81 -16.47
CA HIS A 155 -22.90 -6.87 -15.65
C HIS A 155 -23.14 -5.50 -15.03
N LEU A 156 -24.06 -4.71 -15.58
CA LEU A 156 -24.34 -3.33 -15.13
C LEU A 156 -25.77 -3.24 -14.61
N PRO A 157 -25.99 -3.64 -13.34
CA PRO A 157 -27.36 -3.79 -12.81
C PRO A 157 -27.98 -2.45 -12.39
N LEU A 158 -28.28 -1.60 -13.38
CA LEU A 158 -28.87 -0.25 -13.16
C LEU A 158 -30.27 -0.38 -12.52
N GLU A 159 -30.99 -1.47 -12.82
CA GLU A 159 -32.40 -1.70 -12.40
C GLU A 159 -32.46 -1.72 -10.87
N SER A 160 -31.40 -2.16 -10.19
CA SER A 160 -31.38 -2.27 -8.70
C SER A 160 -30.78 -1.00 -8.07
N PHE A 161 -30.81 0.13 -8.78
CA PHE A 161 -30.37 1.45 -8.26
C PHE A 161 -31.36 2.50 -8.72
N PRO A 162 -32.55 2.56 -8.07
CA PRO A 162 -33.57 3.54 -8.42
C PRO A 162 -32.97 4.95 -8.31
N GLY A 163 -33.16 5.73 -9.37
CA GLY A 163 -32.72 7.13 -9.46
C GLY A 163 -31.38 7.27 -10.16
N ILE A 164 -30.81 6.19 -10.70
CA ILE A 164 -29.56 6.25 -11.52
C ILE A 164 -29.86 6.95 -12.86
N GLU A 165 -31.05 6.71 -13.42
CA GLU A 165 -31.57 7.36 -14.65
C GLU A 165 -31.56 8.89 -14.44
N LYS A 166 -31.73 9.37 -13.21
CA LYS A 166 -31.86 10.82 -12.84
C LYS A 166 -30.49 11.46 -12.61
N PHE A 167 -29.47 10.69 -12.24
CA PHE A 167 -28.12 11.18 -11.83
C PHE A 167 -27.47 11.96 -12.97
N LYS A 168 -26.85 13.10 -12.64
CA LYS A 168 -26.34 14.10 -13.62
C LYS A 168 -24.80 14.17 -13.61
N GLY A 169 -24.12 13.34 -12.81
CA GLY A 169 -22.67 13.09 -12.96
C GLY A 169 -22.42 12.01 -14.02
N GLN A 170 -21.16 11.66 -14.28
CA GLN A 170 -20.81 10.50 -15.16
C GLN A 170 -20.90 9.23 -14.31
N TYR A 171 -21.14 8.09 -14.98
CA TYR A 171 -21.28 6.75 -14.38
C TYR A 171 -21.14 5.69 -15.48
N PHE A 172 -20.39 4.63 -15.20
CA PHE A 172 -20.05 3.59 -16.20
C PHE A 172 -19.46 2.38 -15.46
N HIS A 173 -19.38 1.24 -16.17
CA HIS A 173 -18.87 -0.05 -15.64
C HIS A 173 -17.34 0.00 -15.52
N SER A 174 -16.76 -0.80 -14.61
CA SER A 174 -15.29 -0.92 -14.37
C SER A 174 -14.58 -1.13 -15.71
N ARG A 175 -15.16 -1.97 -16.58
CA ARG A 175 -14.72 -2.24 -17.97
C ARG A 175 -14.09 -0.99 -18.61
N ASP A 176 -14.79 0.14 -18.51
CA ASP A 176 -14.50 1.38 -19.27
C ASP A 176 -13.47 2.23 -18.49
N TYR A 177 -13.14 1.89 -17.23
CA TYR A 177 -12.12 2.62 -16.45
C TYR A 177 -10.74 2.22 -16.98
N LYS A 178 -9.83 3.21 -17.04
CA LYS A 178 -8.46 3.04 -17.62
C LYS A 178 -7.38 3.75 -16.76
N ASN A 179 -7.66 4.98 -16.30
CA ASN A 179 -6.71 5.76 -15.49
C ASN A 179 -7.52 6.78 -14.70
N PRO A 180 -6.95 7.38 -13.63
CA PRO A 180 -7.69 8.32 -12.79
C PRO A 180 -7.63 9.81 -13.15
N GLU A 181 -6.94 10.21 -14.23
CA GLU A 181 -6.80 11.64 -14.67
C GLU A 181 -8.11 12.42 -14.48
N GLY A 182 -9.23 11.87 -14.98
CA GLY A 182 -10.52 12.58 -15.04
C GLY A 182 -11.16 12.77 -13.67
N PHE A 183 -10.50 12.35 -12.60
CA PHE A 183 -11.11 12.31 -11.25
C PHE A 183 -10.38 13.22 -10.25
N THR A 184 -9.34 13.94 -10.66
CA THR A 184 -8.62 14.90 -9.77
C THR A 184 -9.64 15.79 -9.06
N GLY A 185 -9.54 15.90 -7.74
CA GLY A 185 -10.38 16.81 -6.94
C GLY A 185 -11.88 16.55 -7.03
N LYS A 186 -12.31 15.37 -7.48
CA LYS A 186 -13.75 15.00 -7.60
C LYS A 186 -14.16 14.05 -6.47
N ARG A 187 -15.47 13.81 -6.32
CA ARG A 187 -16.07 12.90 -5.30
C ARG A 187 -16.67 11.72 -6.05
N VAL A 188 -16.12 10.52 -5.86
CA VAL A 188 -16.43 9.32 -6.69
C VAL A 188 -16.87 8.18 -5.78
N ILE A 189 -17.97 7.53 -6.16
CA ILE A 189 -18.49 6.31 -5.48
C ILE A 189 -18.09 5.12 -6.35
N ILE A 190 -17.59 4.06 -5.72
CA ILE A 190 -17.38 2.72 -6.32
C ILE A 190 -18.45 1.76 -5.78
N ILE A 191 -19.28 1.17 -6.65
CA ILE A 191 -20.20 0.06 -6.29
C ILE A 191 -19.46 -1.27 -6.49
N GLY A 192 -19.32 -2.06 -5.42
CA GLY A 192 -18.78 -3.42 -5.46
C GLY A 192 -17.38 -3.52 -4.88
N ILE A 193 -17.09 -4.61 -4.17
CA ILE A 193 -15.77 -4.82 -3.49
C ILE A 193 -15.19 -6.19 -3.88
N GLY A 194 -15.32 -6.54 -5.17
CA GLY A 194 -14.38 -7.44 -5.88
C GLY A 194 -13.09 -6.72 -6.16
N ASN A 195 -12.17 -7.34 -6.91
CA ASN A 195 -10.80 -6.79 -7.07
C ASN A 195 -10.85 -5.52 -7.93
N SER A 196 -11.84 -5.40 -8.83
CA SER A 196 -12.04 -4.18 -9.64
C SER A 196 -12.42 -3.04 -8.69
N GLY A 197 -13.49 -3.24 -7.93
CA GLY A 197 -13.89 -2.28 -6.89
C GLY A 197 -12.67 -1.80 -6.12
N GLY A 198 -11.93 -2.73 -5.52
CA GLY A 198 -10.79 -2.44 -4.64
C GLY A 198 -9.73 -1.64 -5.37
N ASP A 199 -9.13 -2.21 -6.43
CA ASP A 199 -8.10 -1.55 -7.30
C ASP A 199 -8.49 -0.11 -7.66
N LEU A 200 -9.73 0.10 -8.11
CA LEU A 200 -10.20 1.45 -8.53
C LEU A 200 -10.34 2.34 -7.29
N ALA A 201 -10.94 1.84 -6.22
CA ALA A 201 -11.14 2.61 -4.97
C ALA A 201 -9.78 3.18 -4.49
N VAL A 202 -8.70 2.41 -4.50
CA VAL A 202 -7.37 2.90 -4.01
C VAL A 202 -6.72 3.79 -5.08
N GLU A 203 -6.73 3.36 -6.34
CA GLU A 203 -6.07 4.11 -7.44
C GLU A 203 -6.68 5.52 -7.52
N ILE A 204 -8.01 5.60 -7.64
CA ILE A 204 -8.74 6.88 -7.86
C ILE A 204 -8.57 7.77 -6.63
N SER A 205 -8.31 7.18 -5.46
CA SER A 205 -8.16 7.91 -4.17
C SER A 205 -6.83 8.69 -4.14
N HIS A 206 -5.95 8.52 -5.13
CA HIS A 206 -4.64 9.22 -5.19
C HIS A 206 -4.81 10.64 -5.69
N THR A 207 -5.80 10.86 -6.56
CA THR A 207 -6.10 12.12 -7.27
C THR A 207 -7.39 12.75 -6.73
N ALA A 208 -8.39 11.94 -6.41
CA ALA A 208 -9.78 12.36 -6.12
C ALA A 208 -9.85 13.08 -4.77
N LYS A 209 -10.86 13.93 -4.58
CA LYS A 209 -11.05 14.67 -3.32
C LYS A 209 -11.50 13.65 -2.27
N GLN A 210 -12.50 12.85 -2.62
CA GLN A 210 -13.04 11.77 -1.76
C GLN A 210 -13.52 10.63 -2.65
N VAL A 211 -13.10 9.41 -2.30
CA VAL A 211 -13.62 8.13 -2.85
C VAL A 211 -14.45 7.48 -1.76
N PHE A 212 -15.65 7.02 -2.11
CA PHE A 212 -16.49 6.11 -1.28
C PHE A 212 -16.49 4.72 -1.90
N LEU A 213 -16.15 3.72 -1.09
CA LEU A 213 -16.16 2.28 -1.47
C LEU A 213 -17.44 1.63 -0.93
N SER A 214 -18.46 1.50 -1.76
CA SER A 214 -19.82 1.06 -1.36
C SER A 214 -19.90 -0.45 -1.56
N THR A 215 -20.13 -1.20 -0.47
CA THR A 215 -20.36 -2.66 -0.50
C THR A 215 -21.69 -3.01 0.18
N ARG A 216 -22.45 -3.92 -0.43
CA ARG A 216 -23.78 -4.36 0.08
C ARG A 216 -23.60 -5.52 1.04
N ARG A 217 -22.37 -6.03 1.22
CA ARG A 217 -22.06 -7.27 2.00
C ARG A 217 -20.92 -7.07 2.99
N GLY A 218 -19.96 -6.22 2.62
CA GLY A 218 -18.59 -6.22 3.18
C GLY A 218 -17.74 -7.27 2.50
N ALA A 219 -16.49 -7.42 2.92
CA ALA A 219 -15.57 -8.41 2.34
C ALA A 219 -14.42 -8.68 3.30
N TRP A 220 -13.97 -9.94 3.32
CA TRP A 220 -12.68 -10.37 3.90
C TRP A 220 -11.60 -9.98 2.90
N ILE A 221 -10.48 -9.44 3.37
CA ILE A 221 -9.50 -8.74 2.50
C ILE A 221 -8.08 -9.25 2.77
N LEU A 222 -7.49 -9.83 1.73
CA LEU A 222 -6.16 -10.48 1.74
C LEU A 222 -5.06 -9.51 1.29
N ASN A 223 -3.82 -9.94 1.52
CA ASN A 223 -2.57 -9.21 1.16
C ASN A 223 -1.70 -10.19 0.36
N ARG A 224 -1.22 -9.81 -0.83
CA ARG A 224 -0.32 -10.68 -1.63
C ARG A 224 1.05 -10.78 -0.95
N VAL A 225 1.48 -9.73 -0.23
CA VAL A 225 2.70 -9.79 0.61
C VAL A 225 2.35 -10.55 1.88
N GLY A 226 2.56 -11.87 1.85
CA GLY A 226 2.27 -12.76 2.99
C GLY A 226 3.35 -12.71 4.06
N ASP A 227 3.36 -13.69 4.96
CA ASP A 227 4.36 -13.85 6.05
C ASP A 227 5.77 -13.78 5.47
N HIS A 228 6.62 -12.97 6.08
CA HIS A 228 8.05 -12.80 5.70
C HIS A 228 8.15 -12.24 4.28
N GLY A 229 7.04 -11.78 3.71
CA GLY A 229 7.03 -11.18 2.37
C GLY A 229 7.05 -12.24 1.29
N TYR A 230 6.83 -13.51 1.64
CA TYR A 230 6.59 -14.57 0.63
C TYR A 230 5.22 -14.33 0.00
N PRO A 231 5.08 -14.57 -1.30
CA PRO A 231 3.78 -14.50 -1.93
C PRO A 231 2.76 -15.36 -1.17
N PHE A 232 1.58 -14.81 -0.87
CA PHE A 232 0.53 -15.48 -0.07
C PHE A 232 0.13 -16.81 -0.70
N ASP A 233 0.17 -16.97 -2.02
CA ASP A 233 -0.38 -18.17 -2.70
C ASP A 233 0.66 -19.28 -2.69
N VAL A 234 1.96 -18.93 -2.70
CA VAL A 234 3.11 -19.85 -2.45
C VAL A 234 3.00 -20.48 -1.06
N LEU A 235 2.43 -19.75 -0.13
CA LEU A 235 2.25 -20.20 1.28
C LEU A 235 0.97 -21.03 1.40
N PHE A 236 -0.18 -20.52 0.95
CA PHE A 236 -1.52 -21.10 1.22
C PHE A 236 -1.66 -22.35 0.34
N SER A 237 -1.21 -22.32 -0.91
CA SER A 237 -1.36 -23.45 -1.88
C SER A 237 -0.12 -24.37 -1.83
N SER A 238 0.11 -25.00 -0.67
CA SER A 238 1.10 -26.10 -0.48
C SER A 238 0.38 -27.35 0.02
N ARG A 239 0.65 -28.51 -0.56
CA ARG A 239 0.01 -29.81 -0.18
C ARG A 239 -0.06 -29.96 1.35
N PHE A 240 0.95 -29.49 2.09
CA PHE A 240 1.01 -29.51 3.58
C PHE A 240 -0.11 -28.67 4.19
N THR A 241 -0.24 -27.41 3.75
CA THR A 241 -1.34 -26.48 4.18
C THR A 241 -2.67 -27.12 3.80
N TYR A 242 -2.73 -27.77 2.63
CA TYR A 242 -3.92 -28.49 2.13
C TYR A 242 -4.34 -29.56 3.14
N PHE A 243 -3.37 -30.38 3.58
CA PHE A 243 -3.58 -31.52 4.51
C PHE A 243 -3.98 -30.95 5.87
N LEU A 244 -3.27 -29.93 6.37
CA LEU A 244 -3.62 -29.25 7.64
C LEU A 244 -5.07 -28.75 7.56
N SER A 245 -5.47 -28.15 6.45
CA SER A 245 -6.86 -27.64 6.25
C SER A 245 -7.84 -28.81 6.35
N LYS A 246 -7.50 -29.96 5.77
CA LYS A 246 -8.42 -31.12 5.58
C LYS A 246 -8.76 -31.74 6.94
N ILE A 247 -7.78 -31.90 7.83
CA ILE A 247 -8.00 -32.54 9.15
C ILE A 247 -8.74 -31.54 10.06
N CYS A 248 -8.47 -30.24 9.93
CA CYS A 248 -9.03 -29.17 10.82
C CYS A 248 -10.48 -28.80 10.46
N GLY A 249 -10.94 -29.05 9.23
CA GLY A 249 -12.33 -28.78 8.78
C GLY A 249 -12.51 -27.34 8.33
N GLN A 250 -13.63 -27.03 7.67
CA GLN A 250 -13.88 -25.69 7.07
C GLN A 250 -13.90 -24.62 8.17
N SER A 251 -14.87 -24.68 9.09
CA SER A 251 -15.14 -23.59 10.07
C SER A 251 -13.87 -23.24 10.86
N LEU A 252 -12.99 -24.21 11.13
CA LEU A 252 -11.71 -23.94 11.84
C LEU A 252 -10.70 -23.26 10.90
N SER A 253 -10.47 -23.81 9.70
CA SER A 253 -9.71 -23.15 8.62
C SER A 253 -10.12 -21.69 8.55
N ASN A 254 -11.42 -21.44 8.39
CA ASN A 254 -12.01 -20.08 8.28
C ASN A 254 -11.54 -19.22 9.46
N THR A 255 -11.66 -19.73 10.68
CA THR A 255 -11.34 -18.98 11.93
C THR A 255 -9.85 -18.65 11.95
N PHE A 256 -9.03 -19.52 11.36
CA PHE A 256 -7.57 -19.28 11.20
C PHE A 256 -7.38 -18.08 10.26
N LEU A 257 -7.90 -18.20 9.03
CA LEU A 257 -7.79 -17.19 7.95
C LEU A 257 -8.36 -15.84 8.41
N GLU A 258 -9.57 -15.83 8.98
CA GLU A 258 -10.25 -14.61 9.47
C GLU A 258 -9.41 -13.94 10.55
N LYS A 259 -8.88 -14.71 11.50
CA LYS A 259 -8.10 -14.17 12.64
C LYS A 259 -6.77 -13.64 12.10
N LYS A 260 -6.23 -14.28 11.08
CA LYS A 260 -5.01 -13.83 10.34
C LYS A 260 -5.29 -12.46 9.72
N MET A 261 -6.38 -12.32 8.95
CA MET A 261 -6.74 -11.06 8.26
C MET A 261 -7.02 -9.96 9.27
N ASN A 262 -7.62 -10.27 10.41
CA ASN A 262 -7.95 -9.28 11.47
C ASN A 262 -6.68 -8.75 12.13
N GLN A 263 -5.65 -9.59 12.31
CA GLN A 263 -4.34 -9.15 12.88
C GLN A 263 -3.81 -7.98 12.04
N ARG A 264 -3.88 -8.11 10.72
CA ARG A 264 -3.47 -7.09 9.73
C ARG A 264 -4.31 -5.83 9.96
N PHE A 265 -5.64 -5.95 9.88
CA PHE A 265 -6.62 -4.91 10.26
C PHE A 265 -7.96 -5.55 10.60
N ASP A 266 -8.58 -5.09 11.69
CA ASP A 266 -9.86 -5.63 12.23
C ASP A 266 -11.03 -5.20 11.33
N HIS A 267 -11.60 -6.15 10.59
CA HIS A 267 -12.61 -5.85 9.54
C HIS A 267 -13.84 -5.16 10.15
N GLU A 268 -14.10 -5.37 11.43
CA GLU A 268 -15.23 -4.72 12.16
C GLU A 268 -14.92 -3.23 12.34
N MET A 269 -13.75 -2.91 12.92
CA MET A 269 -13.33 -1.51 13.21
C MET A 269 -13.29 -0.73 11.89
N PHE A 270 -12.78 -1.39 10.85
CA PHE A 270 -12.55 -0.79 9.51
C PHE A 270 -13.85 -0.79 8.69
N GLY A 271 -14.91 -1.43 9.20
CA GLY A 271 -16.28 -1.28 8.68
C GLY A 271 -16.54 -2.21 7.51
N LEU A 272 -15.63 -3.16 7.29
CA LEU A 272 -15.63 -4.04 6.10
C LEU A 272 -16.17 -5.42 6.46
N LYS A 273 -16.42 -5.75 7.73
CA LYS A 273 -16.68 -7.15 8.14
C LYS A 273 -18.03 -7.63 7.60
N PRO A 274 -18.07 -8.80 6.91
CA PRO A 274 -19.30 -9.36 6.39
C PRO A 274 -19.85 -10.50 7.23
N LYS A 275 -21.13 -10.84 6.99
CA LYS A 275 -21.87 -11.94 7.67
C LYS A 275 -21.29 -13.28 7.25
N HIS A 276 -20.62 -13.39 6.10
CA HIS A 276 -20.15 -14.69 5.54
C HIS A 276 -18.72 -14.95 6.05
N ARG A 277 -18.17 -16.12 5.69
CA ARG A 277 -16.82 -16.59 6.13
C ARG A 277 -15.81 -16.36 5.00
N ALA A 278 -14.52 -16.41 5.34
CA ALA A 278 -13.38 -16.19 4.44
C ALA A 278 -13.56 -16.98 3.14
N LEU A 279 -13.78 -18.30 3.27
CA LEU A 279 -13.80 -19.25 2.12
C LEU A 279 -15.18 -19.29 1.45
N SER A 280 -16.13 -18.45 1.89
CA SER A 280 -17.51 -18.37 1.34
C SER A 280 -17.54 -17.30 0.25
N GLN A 281 -16.41 -16.62 -0.01
CA GLN A 281 -16.35 -15.51 -1.03
C GLN A 281 -15.10 -15.62 -1.90
N HIS A 282 -15.21 -15.18 -3.15
CA HIS A 282 -14.01 -15.07 -4.01
C HIS A 282 -13.05 -14.10 -3.35
N PRO A 283 -11.78 -14.47 -3.17
CA PRO A 283 -10.84 -13.65 -2.39
C PRO A 283 -10.66 -12.27 -3.02
N THR A 284 -10.84 -11.22 -2.20
CA THR A 284 -10.53 -9.83 -2.61
C THR A 284 -9.14 -9.54 -2.04
N VAL A 285 -8.17 -9.30 -2.93
CA VAL A 285 -6.73 -9.10 -2.61
C VAL A 285 -6.38 -7.64 -2.81
N ASN A 286 -6.01 -6.95 -1.74
CA ASN A 286 -5.68 -5.51 -1.81
C ASN A 286 -4.86 -5.13 -0.59
N ASP A 287 -3.54 -4.99 -0.78
CA ASP A 287 -2.58 -4.67 0.31
C ASP A 287 -2.65 -3.18 0.65
N ASP A 288 -3.18 -2.37 -0.26
CA ASP A 288 -3.10 -0.89 -0.17
C ASP A 288 -4.37 -0.35 0.49
N LEU A 289 -5.48 -1.08 0.44
CA LEU A 289 -6.82 -0.56 0.82
C LEU A 289 -6.87 -0.11 2.28
N PRO A 290 -6.36 -0.90 3.24
CA PRO A 290 -6.41 -0.51 4.66
C PRO A 290 -5.82 0.88 4.94
N ASN A 291 -4.62 1.14 4.42
CA ASN A 291 -3.85 2.39 4.59
C ASN A 291 -4.64 3.56 3.96
N ARG A 292 -5.41 3.33 2.90
CA ARG A 292 -6.20 4.42 2.27
C ARG A 292 -7.44 4.69 3.15
N ILE A 293 -7.97 3.65 3.77
CA ILE A 293 -9.18 3.75 4.66
C ILE A 293 -8.79 4.53 5.93
N ILE A 294 -7.59 4.30 6.47
CA ILE A 294 -7.23 4.89 7.79
C ILE A 294 -6.93 6.38 7.63
N SER A 295 -6.76 6.86 6.39
CA SER A 295 -6.47 8.27 5.99
C SER A 295 -7.72 8.99 5.49
N GLY A 296 -8.86 8.29 5.36
CA GLY A 296 -10.14 8.90 4.97
C GLY A 296 -10.28 9.09 3.47
N LEU A 297 -9.25 8.78 2.69
CA LEU A 297 -9.24 9.03 1.22
C LEU A 297 -10.08 7.97 0.50
N VAL A 298 -10.23 6.79 1.12
CA VAL A 298 -11.31 5.82 0.82
C VAL A 298 -12.19 5.70 2.07
N LYS A 299 -13.50 5.85 1.87
CA LYS A 299 -14.50 5.78 2.95
C LYS A 299 -15.39 4.56 2.66
N VAL A 300 -15.34 3.56 3.54
CA VAL A 300 -16.18 2.33 3.41
C VAL A 300 -17.64 2.73 3.65
N LYS A 301 -18.52 2.44 2.69
CA LYS A 301 -19.97 2.68 2.77
C LYS A 301 -20.74 1.36 2.56
N GLY A 302 -21.98 1.30 3.08
CA GLY A 302 -22.96 0.26 2.73
C GLY A 302 -23.45 0.43 1.31
N ASN A 303 -24.54 -0.23 0.92
CA ASN A 303 -25.10 -0.17 -0.46
C ASN A 303 -25.82 1.17 -0.68
N VAL A 304 -25.74 1.70 -1.89
CA VAL A 304 -26.55 2.84 -2.37
C VAL A 304 -27.96 2.29 -2.59
N LYS A 305 -28.96 2.91 -1.96
CA LYS A 305 -30.40 2.54 -2.11
C LYS A 305 -31.02 3.39 -3.23
N GLU A 306 -30.58 4.62 -3.40
CA GLU A 306 -31.27 5.59 -4.28
C GLU A 306 -30.27 6.68 -4.69
N PHE A 307 -30.25 7.04 -5.99
CA PHE A 307 -29.50 8.21 -6.52
C PHE A 307 -30.47 9.37 -6.80
N THR A 308 -30.03 10.61 -6.56
CA THR A 308 -30.72 11.86 -6.98
C THR A 308 -29.92 12.48 -8.14
N GLU A 309 -30.16 13.75 -8.49
CA GLU A 309 -29.42 14.48 -9.54
C GLU A 309 -27.98 14.67 -9.05
N THR A 310 -27.78 14.67 -7.74
CA THR A 310 -26.57 15.21 -7.06
C THR A 310 -25.95 14.18 -6.11
N ALA A 311 -26.74 13.25 -5.55
CA ALA A 311 -26.38 12.49 -4.32
C ALA A 311 -26.72 11.00 -4.39
N ALA A 312 -26.14 10.25 -3.47
CA ALA A 312 -26.47 8.84 -3.17
C ALA A 312 -27.11 8.80 -1.77
N ILE A 313 -28.21 8.05 -1.63
CA ILE A 313 -28.80 7.66 -0.31
C ILE A 313 -28.36 6.22 -0.07
N PHE A 314 -27.94 5.89 1.14
CA PHE A 314 -27.37 4.56 1.52
C PHE A 314 -28.40 3.76 2.35
N GLU A 315 -28.32 2.42 2.29
CA GLU A 315 -29.30 1.47 2.90
C GLU A 315 -29.54 1.84 4.37
N ASP A 316 -28.63 2.61 4.99
CA ASP A 316 -28.67 2.98 6.43
C ASP A 316 -29.13 4.44 6.61
N GLY A 317 -29.64 5.07 5.55
CA GLY A 317 -30.26 6.41 5.62
C GLY A 317 -29.24 7.54 5.60
N SER A 318 -27.95 7.26 5.83
CA SER A 318 -26.84 8.23 5.58
C SER A 318 -26.91 8.66 4.11
N ARG A 319 -26.32 9.80 3.80
CA ARG A 319 -26.43 10.44 2.46
C ARG A 319 -25.03 10.99 2.17
N GLU A 320 -24.64 11.06 0.89
CA GLU A 320 -23.37 11.71 0.46
C GLU A 320 -23.70 12.59 -0.76
N ASP A 321 -23.22 13.82 -0.74
CA ASP A 321 -23.70 14.92 -1.62
C ASP A 321 -22.61 15.28 -2.62
N ASP A 322 -22.98 16.02 -3.67
CA ASP A 322 -22.03 16.61 -4.66
C ASP A 322 -21.16 15.49 -5.25
N ILE A 323 -21.80 14.41 -5.73
CA ILE A 323 -21.13 13.20 -6.27
C ILE A 323 -20.93 13.40 -7.77
N ASP A 324 -19.68 13.49 -8.20
CA ASP A 324 -19.30 13.83 -9.59
C ASP A 324 -19.40 12.57 -10.48
N ALA A 325 -19.14 11.38 -9.94
CA ALA A 325 -19.00 10.15 -10.76
C ALA A 325 -19.29 8.89 -9.93
N VAL A 326 -19.89 7.91 -10.59
CA VAL A 326 -20.15 6.56 -10.00
C VAL A 326 -19.57 5.52 -10.95
N ILE A 327 -18.72 4.62 -10.44
CA ILE A 327 -18.22 3.47 -11.23
C ILE A 327 -18.82 2.19 -10.64
N PHE A 328 -19.51 1.43 -11.50
CA PHE A 328 -20.05 0.09 -11.19
C PHE A 328 -18.97 -0.96 -11.46
N ALA A 329 -18.26 -1.33 -10.39
CA ALA A 329 -17.36 -2.49 -10.34
C ALA A 329 -18.21 -3.70 -9.95
N THR A 330 -19.26 -3.92 -10.72
CA THR A 330 -20.31 -4.95 -10.47
C THR A 330 -20.00 -6.23 -11.25
N GLY A 331 -18.83 -6.34 -11.88
CA GLY A 331 -18.34 -7.63 -12.40
C GLY A 331 -18.98 -8.02 -13.73
N TYR A 332 -18.85 -9.29 -14.12
CA TYR A 332 -19.09 -9.74 -15.52
C TYR A 332 -19.94 -11.01 -15.56
N SER A 333 -20.67 -11.15 -16.66
CA SER A 333 -21.45 -12.36 -17.02
C SER A 333 -20.86 -12.94 -18.30
N PHE A 334 -21.00 -14.23 -18.51
CA PHE A 334 -20.50 -14.94 -19.71
C PHE A 334 -21.67 -15.53 -20.45
N ALA A 335 -21.46 -15.89 -21.71
CA ALA A 335 -22.44 -16.57 -22.58
C ALA A 335 -21.75 -17.07 -23.84
N PHE A 336 -22.45 -17.91 -24.61
CA PHE A 336 -21.92 -18.48 -25.88
C PHE A 336 -22.95 -18.24 -26.97
N PRO A 337 -22.96 -17.04 -27.59
CA PRO A 337 -23.85 -16.71 -28.72
C PRO A 337 -23.72 -17.68 -29.91
N PHE A 338 -22.52 -18.22 -30.12
CA PHE A 338 -22.18 -19.17 -31.20
C PHE A 338 -22.52 -20.62 -30.80
N LEU A 339 -22.99 -20.86 -29.58
CA LEU A 339 -23.25 -22.25 -29.08
C LEU A 339 -24.66 -22.35 -28.47
N GLU A 340 -25.64 -21.60 -29.00
CA GLU A 340 -27.04 -21.60 -28.51
C GLU A 340 -27.78 -22.84 -29.07
N ASP A 341 -27.13 -24.00 -29.02
CA ASP A 341 -27.63 -25.35 -29.45
C ASP A 341 -27.05 -26.43 -28.51
N SER A 342 -25.81 -26.24 -28.05
CA SER A 342 -24.97 -27.25 -27.33
C SER A 342 -24.91 -26.92 -25.84
N VAL A 343 -24.54 -25.68 -25.50
CA VAL A 343 -24.21 -25.22 -24.12
C VAL A 343 -25.09 -24.02 -23.78
N LYS A 344 -25.89 -24.11 -22.71
CA LYS A 344 -26.81 -23.03 -22.26
C LYS A 344 -26.29 -22.45 -20.93
N VAL A 345 -26.27 -21.11 -20.83
CA VAL A 345 -25.98 -20.39 -19.56
C VAL A 345 -27.07 -19.33 -19.34
N VAL A 346 -27.49 -19.23 -18.06
CA VAL A 346 -28.44 -18.24 -17.48
C VAL A 346 -27.83 -17.67 -16.19
N LYS A 347 -27.58 -16.37 -16.10
CA LYS A 347 -27.05 -15.73 -14.88
C LYS A 347 -25.90 -16.59 -14.33
N ASN A 348 -24.98 -16.98 -15.22
CA ASN A 348 -23.63 -17.55 -14.95
C ASN A 348 -23.77 -18.97 -14.40
N LYS A 349 -24.97 -19.55 -14.49
CA LYS A 349 -25.22 -20.97 -14.19
C LYS A 349 -25.03 -21.75 -15.48
N VAL A 350 -24.00 -22.58 -15.55
CA VAL A 350 -23.77 -23.54 -16.67
C VAL A 350 -23.62 -24.93 -16.06
N SER A 351 -24.00 -25.96 -16.80
CA SER A 351 -23.78 -27.37 -16.42
C SER A 351 -22.71 -27.97 -17.36
N LEU A 352 -21.52 -28.23 -16.82
CA LEU A 352 -20.34 -28.82 -17.53
C LEU A 352 -19.61 -29.82 -16.60
N TYR A 353 -19.38 -31.04 -17.07
CA TYR A 353 -18.66 -32.10 -16.32
C TYR A 353 -17.19 -31.70 -16.13
N LYS A 354 -16.75 -31.46 -14.90
CA LYS A 354 -15.39 -30.98 -14.55
C LYS A 354 -15.17 -29.57 -15.12
N LYS A 355 -16.28 -28.87 -15.37
CA LYS A 355 -16.36 -27.44 -15.82
C LYS A 355 -16.07 -27.37 -17.31
N VAL A 356 -15.89 -28.50 -18.00
CA VAL A 356 -15.31 -28.58 -19.37
C VAL A 356 -16.33 -29.11 -20.38
N PHE A 357 -16.92 -30.29 -20.13
CA PHE A 357 -17.71 -31.06 -21.12
C PHE A 357 -19.21 -30.91 -20.88
N PRO A 358 -19.98 -30.55 -21.93
CA PRO A 358 -21.42 -30.67 -21.89
C PRO A 358 -21.73 -32.15 -21.71
N PRO A 359 -22.66 -32.51 -20.80
CA PRO A 359 -22.86 -33.91 -20.44
C PRO A 359 -23.77 -34.63 -21.44
N ASN A 360 -24.52 -33.86 -22.24
CA ASN A 360 -25.62 -34.32 -23.13
C ASN A 360 -25.12 -34.40 -24.58
N LEU A 361 -23.88 -34.85 -24.78
CA LEU A 361 -23.22 -34.92 -26.12
C LEU A 361 -23.02 -36.38 -26.49
N GLU A 362 -23.49 -36.78 -27.67
CA GLU A 362 -23.37 -38.17 -28.18
C GLU A 362 -21.88 -38.49 -28.40
N LYS A 363 -21.08 -37.47 -28.71
CA LYS A 363 -19.60 -37.58 -28.78
C LYS A 363 -18.98 -36.53 -27.86
N PRO A 364 -17.85 -36.86 -27.19
CA PRO A 364 -17.16 -35.88 -26.33
C PRO A 364 -16.18 -34.99 -27.12
N THR A 365 -16.68 -34.15 -28.03
CA THR A 365 -15.86 -33.42 -29.03
C THR A 365 -16.03 -31.91 -28.91
N LEU A 366 -16.61 -31.41 -27.81
CA LEU A 366 -16.72 -29.95 -27.49
C LEU A 366 -16.25 -29.74 -26.05
N ALA A 367 -15.06 -29.18 -25.90
CA ALA A 367 -14.44 -28.81 -24.60
C ALA A 367 -14.60 -27.29 -24.38
N ILE A 368 -14.93 -26.88 -23.14
CA ILE A 368 -14.95 -25.45 -22.71
C ILE A 368 -13.74 -25.24 -21.79
N ILE A 369 -12.77 -24.43 -22.23
CA ILE A 369 -11.45 -24.22 -21.57
C ILE A 369 -11.42 -22.88 -20.83
N GLY A 370 -11.12 -22.91 -19.54
CA GLY A 370 -10.81 -21.71 -18.74
C GLY A 370 -12.06 -21.07 -18.16
N LEU A 371 -13.16 -21.82 -18.08
CA LEU A 371 -14.44 -21.38 -17.49
C LEU A 371 -14.49 -21.88 -16.04
N ILE A 372 -13.64 -21.28 -15.22
CA ILE A 372 -13.49 -21.55 -13.76
C ILE A 372 -13.08 -20.24 -13.07
N GLN A 373 -13.44 -20.05 -11.79
CA GLN A 373 -12.95 -18.95 -10.93
C GLN A 373 -12.17 -19.58 -9.78
N PRO A 374 -10.88 -19.91 -9.99
CA PRO A 374 -10.11 -20.66 -9.00
C PRO A 374 -9.58 -19.74 -7.90
N LEU A 375 -9.42 -20.23 -6.67
CA LEU A 375 -8.55 -19.55 -5.66
C LEU A 375 -7.11 -19.87 -6.07
N GLY A 376 -6.68 -19.30 -7.19
CA GLY A 376 -5.43 -19.64 -7.90
C GLY A 376 -5.42 -19.06 -9.32
N ALA A 377 -4.47 -19.47 -10.14
CA ALA A 377 -4.33 -18.97 -11.52
C ALA A 377 -5.18 -19.83 -12.46
N ILE A 378 -5.80 -19.22 -13.47
CA ILE A 378 -6.59 -19.96 -14.50
C ILE A 378 -5.64 -20.65 -15.49
N MET A 379 -4.59 -19.97 -15.98
CA MET A 379 -3.69 -20.48 -17.05
C MET A 379 -3.35 -21.95 -16.78
N PRO A 380 -2.80 -22.29 -15.59
CA PRO A 380 -2.34 -23.67 -15.35
C PRO A 380 -3.46 -24.72 -15.38
N ILE A 381 -4.69 -24.32 -15.00
CA ILE A 381 -5.93 -25.17 -15.01
C ILE A 381 -6.44 -25.36 -16.44
N SER A 382 -6.49 -24.28 -17.23
CA SER A 382 -6.83 -24.31 -18.68
C SER A 382 -5.95 -25.34 -19.39
N GLU A 383 -4.65 -25.33 -19.06
CA GLU A 383 -3.64 -26.22 -19.65
C GLU A 383 -4.01 -27.68 -19.35
N LEU A 384 -4.17 -28.02 -18.07
CA LEU A 384 -4.58 -29.39 -17.65
C LEU A 384 -5.92 -29.70 -18.30
N GLN A 385 -6.87 -28.78 -18.29
CA GLN A 385 -8.18 -28.97 -18.99
C GLN A 385 -7.90 -29.37 -20.45
N GLY A 386 -6.88 -28.74 -21.06
CA GLY A 386 -6.51 -28.91 -22.48
C GLY A 386 -5.81 -30.24 -22.72
N ARG A 387 -4.94 -30.66 -21.81
CA ARG A 387 -4.25 -31.98 -21.89
C ARG A 387 -5.33 -33.06 -21.92
N TRP A 388 -6.18 -33.08 -20.88
CA TRP A 388 -7.34 -33.99 -20.74
C TRP A 388 -8.24 -33.94 -21.98
N ALA A 389 -8.70 -32.73 -22.35
CA ALA A 389 -9.69 -32.50 -23.43
C ALA A 389 -9.24 -33.21 -24.71
N THR A 390 -7.99 -32.96 -25.13
CA THR A 390 -7.40 -33.48 -26.39
C THR A 390 -7.28 -35.01 -26.29
N GLN A 391 -7.09 -35.56 -25.09
CA GLN A 391 -6.98 -37.03 -24.92
C GLN A 391 -8.35 -37.65 -25.20
N VAL A 392 -9.44 -37.05 -24.72
CA VAL A 392 -10.80 -37.66 -24.92
C VAL A 392 -11.24 -37.44 -26.37
N PHE A 393 -10.64 -36.48 -27.09
CA PHE A 393 -10.90 -36.26 -28.54
C PHE A 393 -10.29 -37.42 -29.36
N LYS A 394 -9.18 -37.98 -28.88
CA LYS A 394 -8.47 -39.10 -29.53
C LYS A 394 -9.02 -40.43 -29.00
N GLY A 395 -9.79 -40.43 -27.92
CA GLY A 395 -10.34 -41.66 -27.33
C GLY A 395 -9.36 -42.37 -26.41
N LEU A 396 -8.17 -41.79 -26.20
CA LEU A 396 -7.15 -42.24 -25.22
C LEU A 396 -7.72 -42.21 -23.80
N LYS A 397 -8.72 -41.35 -23.55
CA LYS A 397 -9.52 -41.28 -22.29
C LYS A 397 -11.00 -41.14 -22.69
N THR A 398 -11.91 -41.43 -21.76
CA THR A 398 -13.37 -41.55 -22.06
C THR A 398 -14.17 -40.90 -20.93
N LEU A 399 -15.37 -40.39 -21.23
CA LEU A 399 -16.27 -39.76 -20.24
C LEU A 399 -17.20 -40.80 -19.60
N PRO A 400 -17.67 -40.57 -18.35
CA PRO A 400 -18.76 -41.37 -17.79
C PRO A 400 -20.05 -41.25 -18.63
N SER A 401 -21.06 -42.06 -18.31
CA SER A 401 -22.40 -42.01 -18.94
C SER A 401 -23.04 -40.65 -18.62
N GLN A 402 -23.96 -40.20 -19.46
CA GLN A 402 -24.70 -38.91 -19.30
C GLN A 402 -25.16 -38.78 -17.84
N SER A 403 -25.91 -39.77 -17.34
CA SER A 403 -26.63 -39.65 -16.04
C SER A 403 -25.63 -39.53 -14.87
N GLU A 404 -24.45 -40.13 -14.95
CA GLU A 404 -23.48 -40.09 -13.81
C GLU A 404 -22.61 -38.83 -13.92
N MET A 405 -22.44 -38.29 -15.13
CA MET A 405 -21.87 -36.93 -15.33
C MET A 405 -22.76 -35.91 -14.61
N MET A 406 -24.08 -36.05 -14.80
CA MET A 406 -25.08 -35.06 -14.33
C MET A 406 -25.16 -35.13 -12.79
N ALA A 407 -24.85 -36.28 -12.20
CA ALA A 407 -24.88 -36.43 -10.73
C ALA A 407 -23.74 -35.62 -10.14
N GLU A 408 -22.56 -35.66 -10.79
CA GLU A 408 -21.32 -34.98 -10.34
C GLU A 408 -21.50 -33.47 -10.51
N ILE A 409 -21.94 -33.05 -11.70
CA ILE A 409 -22.35 -31.66 -12.01
C ILE A 409 -23.26 -31.15 -10.87
N SER A 410 -24.36 -31.84 -10.58
CA SER A 410 -25.38 -31.39 -9.60
C SER A 410 -24.80 -31.43 -8.18
N LYS A 411 -24.00 -32.44 -7.87
CA LYS A 411 -23.26 -32.54 -6.57
C LYS A 411 -22.37 -31.30 -6.42
N ALA A 412 -21.69 -30.88 -7.49
CA ALA A 412 -20.73 -29.75 -7.45
C ALA A 412 -21.51 -28.46 -7.23
N GLN A 413 -22.59 -28.25 -8.01
CA GLN A 413 -23.43 -27.03 -7.93
C GLN A 413 -24.01 -26.93 -6.52
N GLU A 414 -24.36 -28.08 -5.94
CA GLU A 414 -25.01 -28.20 -4.61
C GLU A 414 -24.04 -27.73 -3.53
N GLU A 415 -22.82 -28.28 -3.45
CA GLU A 415 -21.92 -27.93 -2.31
C GLU A 415 -21.36 -26.53 -2.57
N MET A 416 -21.13 -26.16 -3.84
CA MET A 416 -20.72 -24.78 -4.16
C MET A 416 -21.80 -23.82 -3.61
N ALA A 417 -23.09 -24.14 -3.80
CA ALA A 417 -24.23 -23.31 -3.36
C ALA A 417 -24.33 -23.26 -1.83
N LYS A 418 -23.96 -24.34 -1.14
CA LYS A 418 -23.94 -24.41 0.36
C LYS A 418 -22.81 -23.53 0.89
N ARG A 419 -21.65 -23.55 0.23
CA ARG A 419 -20.36 -22.93 0.67
C ARG A 419 -20.36 -21.42 0.38
N TYR A 420 -20.67 -21.02 -0.86
CA TYR A 420 -20.43 -19.64 -1.37
C TYR A 420 -21.70 -18.79 -1.26
N VAL A 421 -21.49 -17.51 -0.95
CA VAL A 421 -22.55 -16.47 -0.86
C VAL A 421 -23.31 -16.45 -2.18
N ASP A 422 -24.63 -16.29 -2.13
CA ASP A 422 -25.57 -16.51 -3.26
C ASP A 422 -25.55 -15.29 -4.19
N SER A 423 -24.69 -15.35 -5.22
CA SER A 423 -24.40 -14.24 -6.17
C SER A 423 -23.91 -14.85 -7.49
N GLN A 424 -24.17 -14.16 -8.61
CA GLN A 424 -23.81 -14.59 -9.99
C GLN A 424 -22.32 -14.87 -10.16
N ARG A 425 -21.45 -14.31 -9.33
CA ARG A 425 -19.97 -14.42 -9.50
C ARG A 425 -19.44 -15.68 -8.80
N HIS A 426 -20.29 -16.37 -8.03
CA HIS A 426 -19.92 -17.58 -7.25
C HIS A 426 -20.55 -18.84 -7.87
N THR A 427 -20.60 -18.92 -9.20
CA THR A 427 -21.23 -20.05 -9.94
C THR A 427 -20.20 -21.04 -10.48
N ILE A 428 -18.91 -20.71 -10.48
CA ILE A 428 -17.89 -21.60 -11.14
C ILE A 428 -16.62 -21.70 -10.29
N GLN A 429 -16.74 -21.40 -9.00
CA GLN A 429 -15.60 -21.35 -8.04
C GLN A 429 -14.88 -22.70 -8.09
N GLY A 430 -13.56 -22.68 -8.07
CA GLY A 430 -12.71 -23.86 -7.86
C GLY A 430 -11.66 -23.55 -6.81
N ASP A 431 -11.20 -24.55 -6.08
CA ASP A 431 -9.95 -24.47 -5.29
C ASP A 431 -8.82 -24.96 -6.21
N TYR A 432 -7.63 -24.39 -6.02
CA TYR A 432 -6.47 -24.60 -6.93
C TYR A 432 -6.00 -26.05 -6.81
N ILE A 433 -5.54 -26.47 -5.64
CA ILE A 433 -4.92 -27.83 -5.50
C ILE A 433 -5.96 -28.88 -5.87
N ASP A 434 -7.15 -28.82 -5.26
CA ASP A 434 -8.25 -29.77 -5.55
C ASP A 434 -8.37 -29.90 -7.08
N THR A 435 -8.42 -28.77 -7.80
CA THR A 435 -8.76 -28.76 -9.26
C THR A 435 -7.60 -29.37 -10.05
N MET A 436 -6.37 -28.93 -9.79
CA MET A 436 -5.15 -29.43 -10.47
C MET A 436 -5.06 -30.96 -10.32
N GLU A 437 -5.14 -31.47 -9.09
CA GLU A 437 -5.17 -32.93 -8.80
C GLU A 437 -6.31 -33.62 -9.56
N GLU A 438 -7.53 -33.07 -9.45
CA GLU A 438 -8.74 -33.66 -10.09
C GLU A 438 -8.45 -33.91 -11.56
N ILE A 439 -8.00 -32.91 -12.29
CA ILE A 439 -7.84 -32.97 -13.76
C ILE A 439 -6.56 -33.75 -14.06
N ALA A 440 -5.52 -33.59 -13.25
CA ALA A 440 -4.24 -34.34 -13.38
C ALA A 440 -4.53 -35.84 -13.36
N ASP A 441 -5.40 -36.27 -12.46
CA ASP A 441 -5.78 -37.70 -12.27
C ASP A 441 -6.48 -38.21 -13.54
N LEU A 442 -7.33 -37.41 -14.17
CA LEU A 442 -8.04 -37.75 -15.44
C LEU A 442 -7.03 -37.91 -16.58
N VAL A 443 -5.94 -37.14 -16.58
CA VAL A 443 -4.89 -37.21 -17.63
C VAL A 443 -3.88 -38.28 -17.25
N GLY A 444 -3.83 -38.67 -15.98
CA GLY A 444 -2.88 -39.66 -15.42
C GLY A 444 -1.48 -39.10 -15.30
N VAL A 445 -1.38 -37.86 -14.81
CA VAL A 445 -0.12 -37.07 -14.67
C VAL A 445 -0.01 -36.57 -13.23
N ARG A 446 -0.96 -36.93 -12.36
CA ARG A 446 -0.85 -36.70 -10.91
C ARG A 446 0.47 -37.32 -10.47
N PRO A 447 1.36 -36.58 -9.77
CA PRO A 447 2.64 -37.12 -9.36
C PRO A 447 2.43 -38.13 -8.23
N ASN A 448 3.13 -39.26 -8.35
CA ASN A 448 3.10 -40.42 -7.42
C ASN A 448 4.02 -40.07 -6.24
N LEU A 449 3.44 -39.40 -5.25
CA LEU A 449 4.17 -38.68 -4.18
C LEU A 449 4.62 -39.67 -3.09
N LEU A 450 3.86 -40.77 -2.93
CA LEU A 450 4.14 -41.86 -1.96
C LEU A 450 5.35 -42.69 -2.45
N SER A 451 5.40 -43.06 -3.75
CA SER A 451 6.57 -43.74 -4.35
C SER A 451 7.79 -42.85 -4.19
N LEU A 452 7.70 -41.60 -4.67
CA LEU A 452 8.82 -40.63 -4.67
C LEU A 452 9.38 -40.46 -3.25
N ALA A 453 8.52 -40.51 -2.22
CA ALA A 453 8.97 -40.49 -0.81
C ALA A 453 10.22 -41.36 -0.67
N PHE A 454 10.22 -42.56 -1.25
CA PHE A 454 11.30 -43.58 -1.15
C PHE A 454 12.27 -43.47 -2.34
N THR A 455 11.76 -43.29 -3.57
CA THR A 455 12.62 -43.27 -4.81
C THR A 455 13.34 -41.92 -4.95
N ASP A 456 12.97 -40.87 -4.19
CA ASP A 456 13.58 -39.51 -4.30
C ASP A 456 13.10 -38.62 -3.15
N PRO A 457 13.73 -38.67 -1.96
CA PRO A 457 13.16 -38.00 -0.79
C PRO A 457 13.27 -36.48 -0.85
N LYS A 458 14.26 -35.94 -1.58
CA LYS A 458 14.52 -34.48 -1.67
C LYS A 458 13.40 -33.80 -2.47
N LEU A 459 13.10 -34.30 -3.67
CA LEU A 459 11.96 -33.87 -4.52
C LEU A 459 10.66 -34.00 -3.72
N ALA A 460 10.37 -35.22 -3.25
CA ALA A 460 9.19 -35.57 -2.44
C ALA A 460 8.91 -34.50 -1.39
N LEU A 461 9.97 -34.05 -0.69
CA LEU A 461 9.86 -33.01 0.37
C LEU A 461 9.32 -31.71 -0.24
N LYS A 462 9.99 -31.15 -1.26
CA LYS A 462 9.57 -29.89 -1.94
C LYS A 462 8.12 -30.02 -2.41
N LEU A 463 7.76 -31.12 -3.09
CA LEU A 463 6.39 -31.34 -3.64
C LEU A 463 5.36 -31.11 -2.53
N PHE A 464 5.71 -31.47 -1.30
CA PHE A 464 4.75 -31.54 -0.17
C PHE A 464 4.80 -30.25 0.67
N PHE A 465 5.99 -29.88 1.15
CA PHE A 465 6.20 -28.79 2.14
C PHE A 465 6.32 -27.43 1.41
N GLY A 466 6.78 -27.44 0.16
CA GLY A 466 6.84 -26.26 -0.72
C GLY A 466 5.51 -25.97 -1.41
N PRO A 467 5.47 -24.93 -2.29
CA PRO A 467 4.25 -24.59 -3.02
C PRO A 467 3.89 -25.67 -4.06
N CYS A 468 2.59 -25.90 -4.28
CA CYS A 468 2.09 -26.88 -5.28
C CYS A 468 2.11 -26.22 -6.66
N THR A 469 3.32 -25.86 -7.10
CA THR A 469 3.65 -25.21 -8.41
C THR A 469 3.05 -26.07 -9.52
N PRO A 470 2.61 -25.51 -10.66
CA PRO A 470 2.12 -26.31 -11.78
C PRO A 470 3.10 -27.31 -12.41
N VAL A 471 4.40 -27.02 -12.34
CA VAL A 471 5.51 -27.84 -12.95
C VAL A 471 5.41 -29.29 -12.44
N GLN A 472 4.97 -29.43 -11.19
CA GLN A 472 4.58 -30.69 -10.48
C GLN A 472 3.89 -31.70 -11.40
N TYR A 473 3.03 -31.23 -12.30
CA TYR A 473 2.18 -32.08 -13.19
C TYR A 473 2.87 -32.34 -14.56
N ARG A 474 4.18 -32.13 -14.65
CA ARG A 474 4.98 -32.44 -15.86
C ARG A 474 6.12 -33.38 -15.45
N LEU A 475 5.99 -33.99 -14.27
CA LEU A 475 6.96 -34.93 -13.64
C LEU A 475 6.80 -36.31 -14.31
N GLN A 476 5.59 -36.89 -14.17
CA GLN A 476 5.18 -38.22 -14.72
C GLN A 476 4.02 -38.06 -15.72
N GLY A 477 3.66 -39.19 -16.33
CA GLY A 477 2.43 -39.35 -17.14
C GLY A 477 2.62 -38.89 -18.57
N PRO A 478 1.56 -38.90 -19.40
CA PRO A 478 1.64 -38.53 -20.81
C PRO A 478 2.69 -37.48 -21.20
N GLY A 479 2.54 -36.24 -20.75
CA GLY A 479 3.35 -35.11 -21.27
C GLY A 479 4.71 -34.94 -20.61
N LYS A 480 5.07 -35.81 -19.66
CA LYS A 480 6.37 -35.89 -18.93
C LYS A 480 7.40 -34.93 -19.54
N TRP A 481 7.97 -34.02 -18.74
CA TRP A 481 9.03 -33.02 -19.15
C TRP A 481 10.35 -33.30 -18.41
N ASP A 482 11.45 -33.34 -19.16
CA ASP A 482 12.83 -33.64 -18.71
C ASP A 482 13.16 -32.78 -17.48
N GLY A 483 13.05 -31.46 -17.66
CA GLY A 483 13.54 -30.44 -16.72
C GLY A 483 12.54 -30.05 -15.62
N ALA A 484 11.49 -30.84 -15.38
CA ALA A 484 10.52 -30.61 -14.28
C ALA A 484 11.25 -30.63 -12.93
N ARG A 485 11.87 -31.77 -12.59
CA ARG A 485 12.54 -31.99 -11.27
C ARG A 485 13.52 -30.84 -10.98
N LYS A 486 14.36 -30.50 -11.96
CA LYS A 486 15.34 -29.40 -11.81
C LYS A 486 14.59 -28.13 -11.40
N THR A 487 13.60 -27.70 -12.21
CA THR A 487 12.89 -26.43 -11.97
C THR A 487 12.17 -26.53 -10.61
N ILE A 488 11.53 -27.65 -10.31
CA ILE A 488 10.74 -27.79 -9.05
C ILE A 488 11.64 -27.51 -7.83
N LEU A 489 12.88 -28.00 -7.87
CA LEU A 489 13.85 -27.83 -6.75
C LEU A 489 14.32 -26.37 -6.64
N THR A 490 14.60 -25.72 -7.78
CA THR A 490 15.10 -24.31 -7.85
C THR A 490 13.95 -23.28 -7.73
N THR A 491 12.76 -23.65 -7.27
CA THR A 491 11.58 -22.75 -7.22
C THR A 491 11.85 -21.59 -6.22
N GLU A 492 12.53 -21.85 -5.11
CA GLU A 492 12.96 -20.80 -4.14
C GLU A 492 13.78 -19.73 -4.85
N ASP A 493 14.79 -20.14 -5.61
CA ASP A 493 15.77 -19.23 -6.25
C ASP A 493 15.04 -18.18 -7.06
N ARG A 494 14.08 -18.66 -7.86
CA ARG A 494 13.27 -17.85 -8.80
C ARG A 494 12.37 -16.87 -8.02
N ILE A 495 11.80 -17.27 -6.89
CA ILE A 495 11.03 -16.32 -6.02
C ILE A 495 11.96 -15.24 -5.48
N ARG A 496 13.21 -15.56 -5.12
CA ARG A 496 14.15 -14.61 -4.48
C ARG A 496 14.88 -13.79 -5.56
N LYS A 497 15.13 -14.32 -6.76
CA LYS A 497 16.04 -13.68 -7.77
C LYS A 497 15.69 -12.21 -7.94
N PRO A 498 14.38 -11.87 -8.13
CA PRO A 498 14.00 -10.50 -8.48
C PRO A 498 13.91 -9.53 -7.28
N LEU A 499 14.22 -10.00 -6.07
CA LEU A 499 14.12 -9.21 -4.81
C LEU A 499 15.51 -8.93 -4.24
N MET A 500 16.49 -9.82 -4.45
CA MET A 500 17.89 -9.60 -3.99
C MET A 500 18.59 -8.81 -5.09
N THR A 501 18.23 -7.52 -5.24
CA THR A 501 18.75 -6.54 -6.23
C THR A 501 19.73 -5.58 -5.53
N ARG A 502 19.88 -5.73 -4.20
CA ARG A 502 20.93 -5.15 -3.32
C ARG A 502 21.51 -6.26 -2.45
N VAL A 503 22.84 -6.34 -2.35
CA VAL A 503 23.57 -7.44 -1.64
C VAL A 503 23.51 -7.14 -0.13
N ILE A 504 23.26 -8.17 0.69
CA ILE A 504 23.14 -8.04 2.17
C ILE A 504 24.23 -8.87 2.86
N GLU A 505 24.30 -10.17 2.53
CA GLU A 505 25.24 -11.21 3.08
C GLU A 505 25.38 -11.06 4.61
N THR B 2 5.14 46.79 31.96
CA THR B 2 5.76 45.95 33.03
C THR B 2 5.85 44.49 32.53
N LYS B 3 4.79 43.96 31.88
CA LYS B 3 4.68 42.54 31.45
C LYS B 3 5.62 42.31 30.25
N LYS B 4 6.46 41.27 30.35
CA LYS B 4 7.63 41.02 29.47
C LYS B 4 7.16 40.76 28.04
N ARG B 5 7.86 41.36 27.06
CA ARG B 5 7.56 41.18 25.62
C ARG B 5 8.47 40.08 25.06
N ILE B 6 7.85 39.04 24.47
CA ILE B 6 8.53 37.84 23.90
C ILE B 6 8.35 37.86 22.37
N ALA B 7 9.47 37.87 21.64
CA ALA B 7 9.50 37.66 20.18
C ALA B 7 9.37 36.17 19.88
N VAL B 8 8.31 35.80 19.16
CA VAL B 8 8.19 34.43 18.60
C VAL B 8 8.56 34.50 17.11
N ILE B 9 9.64 33.83 16.72
CA ILE B 9 10.11 33.80 15.31
C ILE B 9 9.54 32.54 14.66
N GLY B 10 8.72 32.70 13.63
CA GLY B 10 8.02 31.61 12.91
C GLY B 10 6.60 31.42 13.40
N ALA B 11 5.66 31.11 12.50
CA ALA B 11 4.23 30.87 12.79
C ALA B 11 3.77 29.54 12.17
N GLY B 12 4.61 28.51 12.27
CA GLY B 12 4.19 27.11 12.09
C GLY B 12 3.67 26.53 13.40
N ALA B 13 3.55 25.22 13.49
CA ALA B 13 3.09 24.51 14.71
C ALA B 13 3.78 25.10 15.95
N SER B 14 5.10 25.31 15.89
CA SER B 14 5.95 25.74 17.03
C SER B 14 5.66 27.21 17.38
N GLY B 15 5.64 28.08 16.38
CA GLY B 15 5.25 29.49 16.55
C GLY B 15 3.88 29.59 17.19
N LEU B 16 2.86 28.99 16.57
CA LEU B 16 1.45 29.07 17.02
C LEU B 16 1.36 28.72 18.51
N THR B 17 1.96 27.61 18.95
CA THR B 17 1.84 27.13 20.36
C THR B 17 2.69 28.03 21.28
N SER B 18 3.82 28.54 20.79
CA SER B 18 4.73 29.46 21.54
C SER B 18 4.01 30.78 21.87
N ILE B 19 3.16 31.28 20.98
CA ILE B 19 2.25 32.44 21.24
C ILE B 19 1.28 32.06 22.37
N LYS B 20 0.54 30.96 22.20
CA LYS B 20 -0.47 30.52 23.20
C LYS B 20 0.20 30.37 24.57
N CYS B 21 1.40 29.79 24.63
CA CYS B 21 2.17 29.52 25.87
C CYS B 21 2.56 30.83 26.56
N CYS B 22 2.84 31.88 25.77
CA CYS B 22 3.10 33.26 26.25
C CYS B 22 1.82 33.77 26.89
N LEU B 23 0.75 33.96 26.10
CA LEU B 23 -0.58 34.46 26.58
C LEU B 23 -0.96 33.80 27.90
N GLU B 24 -0.72 32.48 28.02
CA GLU B 24 -1.16 31.66 29.18
C GLU B 24 -0.32 31.94 30.44
N GLU B 25 0.90 32.49 30.31
CA GLU B 25 1.71 32.95 31.47
C GLU B 25 1.72 34.49 31.49
N GLY B 26 0.77 35.12 30.77
CA GLY B 26 0.41 36.55 30.82
C GLY B 26 1.41 37.47 30.15
N LEU B 27 2.28 36.90 29.30
CA LEU B 27 3.36 37.63 28.55
C LEU B 27 2.75 38.17 27.27
N GLU B 28 3.34 39.23 26.68
CA GLU B 28 2.87 39.81 25.40
C GLU B 28 3.70 39.21 24.27
N PRO B 29 3.11 38.35 23.42
CA PRO B 29 3.82 37.81 22.26
C PRO B 29 3.77 38.79 21.07
N VAL B 30 4.93 39.16 20.54
CA VAL B 30 5.03 39.60 19.12
C VAL B 30 5.55 38.39 18.32
N CYS B 31 4.80 37.96 17.29
CA CYS B 31 5.20 36.85 16.38
C CYS B 31 5.51 37.41 14.98
N PHE B 32 6.76 37.24 14.54
CA PHE B 32 7.25 37.55 13.17
C PHE B 32 7.19 36.27 12.33
N GLU B 33 6.47 36.32 11.20
CA GLU B 33 6.38 35.23 10.20
C GLU B 33 6.79 35.83 8.86
N ARG B 34 7.76 35.19 8.18
CA ARG B 34 8.38 35.73 6.94
C ARG B 34 7.42 35.60 5.75
N THR B 35 6.52 34.62 5.78
CA THR B 35 5.54 34.31 4.71
C THR B 35 4.27 35.10 4.96
N ASP B 36 3.26 34.91 4.11
CA ASP B 36 1.93 35.58 4.17
C ASP B 36 0.87 34.73 4.89
N ASP B 37 1.26 33.68 5.63
CA ASP B 37 0.27 32.82 6.33
C ASP B 37 0.95 31.91 7.37
N ILE B 38 0.13 31.17 8.12
CA ILE B 38 0.56 30.23 9.20
C ILE B 38 0.72 28.82 8.61
N GLY B 39 1.17 27.88 9.43
CA GLY B 39 1.25 26.45 9.06
C GLY B 39 2.68 26.05 8.73
N GLY B 40 3.50 27.02 8.32
CA GLY B 40 4.87 26.76 7.85
C GLY B 40 4.88 25.56 6.90
N LEU B 41 5.44 24.43 7.35
CA LEU B 41 5.69 23.21 6.52
C LEU B 41 4.39 22.59 5.99
N TRP B 42 3.30 22.68 6.74
CA TRP B 42 2.03 21.98 6.40
C TRP B 42 1.15 22.80 5.45
N ARG B 43 1.56 24.01 5.05
CA ARG B 43 0.76 24.81 4.08
C ARG B 43 1.31 24.56 2.68
N PHE B 44 0.86 23.48 2.05
CA PHE B 44 1.27 23.07 0.68
C PHE B 44 0.99 24.20 -0.31
N GLN B 45 1.94 24.54 -1.17
CA GLN B 45 1.74 25.39 -2.38
C GLN B 45 2.38 24.66 -3.57
N GLU B 46 1.86 24.83 -4.80
CA GLU B 46 2.35 24.12 -6.02
C GLU B 46 3.81 24.48 -6.28
N ASN B 47 4.23 25.72 -5.94
CA ASN B 47 5.63 26.22 -6.09
C ASN B 47 6.33 26.22 -4.75
N PRO B 48 7.63 25.85 -4.69
CA PRO B 48 8.43 26.05 -3.50
C PRO B 48 8.58 27.55 -3.17
N GLU B 49 8.62 27.91 -1.87
CA GLU B 49 8.78 29.30 -1.39
C GLU B 49 10.16 29.44 -0.72
N GLU B 50 10.86 30.54 -0.95
CA GLU B 50 12.20 30.78 -0.37
C GLU B 50 12.07 30.86 1.17
N GLY B 51 12.88 30.07 1.87
CA GLY B 51 13.01 30.14 3.35
C GLY B 51 11.77 29.66 4.08
N ARG B 52 10.97 28.78 3.49
CA ARG B 52 9.94 27.96 4.21
C ARG B 52 9.84 26.56 3.61
N ALA B 53 9.69 25.55 4.47
CA ALA B 53 9.57 24.12 4.08
C ALA B 53 8.59 23.96 2.91
N SER B 54 9.04 23.25 1.88
CA SER B 54 8.25 22.78 0.71
C SER B 54 7.90 21.31 0.97
N ILE B 55 6.67 20.90 0.69
CA ILE B 55 6.24 19.48 0.74
C ILE B 55 5.55 19.11 -0.57
N TYR B 56 5.25 17.83 -0.73
CA TYR B 56 4.53 17.29 -1.90
C TYR B 56 3.04 17.20 -1.58
N LYS B 57 2.21 17.23 -2.61
CA LYS B 57 0.74 17.38 -2.49
C LYS B 57 0.14 16.24 -1.66
N SER B 58 0.67 15.02 -1.77
CA SER B 58 0.00 13.79 -1.26
C SER B 58 0.37 13.49 0.20
N VAL B 59 1.29 14.25 0.82
CA VAL B 59 1.90 13.93 2.15
C VAL B 59 0.81 13.67 3.17
N ILE B 60 0.88 12.51 3.82
CA ILE B 60 -0.02 12.12 4.93
C ILE B 60 0.87 11.91 6.13
N ILE B 61 0.53 12.57 7.23
CA ILE B 61 1.37 12.67 8.46
C ILE B 61 1.53 11.25 9.01
N ASN B 62 2.72 10.92 9.54
CA ASN B 62 3.09 9.54 9.96
C ASN B 62 2.83 9.34 11.47
N THR B 63 2.33 10.37 12.16
CA THR B 63 1.89 10.31 13.57
C THR B 63 0.36 10.46 13.67
N SER B 64 -0.27 9.49 14.37
CA SER B 64 -1.73 9.38 14.68
C SER B 64 -2.26 10.69 15.28
N LYS B 65 -3.52 11.03 14.99
CA LYS B 65 -4.20 12.27 15.49
C LYS B 65 -4.16 12.28 17.01
N GLU B 66 -4.32 11.13 17.66
CA GLU B 66 -4.46 11.11 19.13
C GLU B 66 -3.08 11.30 19.77
N MET B 67 -2.00 11.26 18.99
CA MET B 67 -0.59 11.31 19.48
C MET B 67 0.07 12.65 19.11
N MET B 68 -0.58 13.48 18.29
CA MET B 68 0.04 14.70 17.71
C MET B 68 -0.79 15.94 18.04
N CYS B 69 -1.99 15.76 18.59
CA CYS B 69 -2.88 16.86 19.03
C CYS B 69 -2.12 17.70 20.06
N PHE B 70 -2.42 18.99 20.12
CA PHE B 70 -2.07 19.87 21.26
C PHE B 70 -2.79 19.34 22.51
N SER B 71 -2.14 19.45 23.66
CA SER B 71 -2.54 18.77 24.94
C SER B 71 -3.94 19.22 25.40
N ASP B 72 -4.37 20.44 25.03
CA ASP B 72 -5.62 21.07 25.53
C ASP B 72 -6.56 21.41 24.37
N TYR B 73 -6.35 20.80 23.19
CA TYR B 73 -7.18 21.01 21.97
C TYR B 73 -7.21 19.74 21.14
N PRO B 74 -8.01 18.71 21.51
CA PRO B 74 -8.04 17.45 20.77
C PRO B 74 -8.63 17.65 19.36
N ILE B 75 -8.06 16.93 18.39
CA ILE B 75 -8.48 16.98 16.96
C ILE B 75 -9.90 16.43 16.87
N PRO B 76 -10.77 17.04 16.05
CA PRO B 76 -12.17 16.60 15.92
C PRO B 76 -12.36 15.10 15.65
N ASP B 77 -13.46 14.55 16.16
CA ASP B 77 -13.84 13.12 16.09
C ASP B 77 -13.65 12.56 14.69
N HIS B 78 -14.24 13.24 13.69
CA HIS B 78 -14.48 12.75 12.31
C HIS B 78 -13.18 12.78 11.49
N TYR B 79 -12.21 13.62 11.84
CA TYR B 79 -10.87 13.65 11.21
C TYR B 79 -10.26 12.25 11.29
N PRO B 80 -9.65 11.73 10.21
CA PRO B 80 -9.01 10.41 10.21
C PRO B 80 -7.77 10.30 11.12
N ASN B 81 -7.38 9.07 11.45
CA ASN B 81 -6.31 8.80 12.44
C ASN B 81 -4.96 9.29 11.91
N PHE B 82 -4.75 9.23 10.59
CA PHE B 82 -3.54 9.75 9.91
C PHE B 82 -3.95 10.78 8.86
N MET B 83 -3.78 12.06 9.18
CA MET B 83 -4.36 13.18 8.41
C MET B 83 -3.50 13.52 7.19
N HIS B 84 -4.15 13.93 6.11
CA HIS B 84 -3.53 14.54 4.90
C HIS B 84 -3.02 15.93 5.28
N ASN B 85 -1.98 16.42 4.60
CA ASN B 85 -1.31 17.72 4.95
C ASN B 85 -2.37 18.84 5.05
N SER B 86 -3.41 18.83 4.22
CA SER B 86 -4.46 19.89 4.20
C SER B 86 -5.18 19.92 5.54
N GLN B 87 -5.39 18.74 6.14
CA GLN B 87 -6.18 18.56 7.39
C GLN B 87 -5.31 18.98 8.58
N VAL B 88 -4.02 18.67 8.56
CA VAL B 88 -3.08 19.19 9.59
C VAL B 88 -3.23 20.71 9.55
N LEU B 89 -3.17 21.31 8.36
CA LEU B 89 -3.19 22.80 8.23
C LEU B 89 -4.48 23.31 8.81
N GLU B 90 -5.62 22.71 8.44
CA GLU B 90 -6.96 23.19 8.88
C GLU B 90 -6.98 23.17 10.42
N TYR B 91 -6.53 22.08 11.03
CA TYR B 91 -6.46 21.92 12.51
C TYR B 91 -5.67 23.09 13.12
N PHE B 92 -4.52 23.43 12.55
CA PHE B 92 -3.70 24.57 13.04
C PHE B 92 -4.55 25.86 12.96
N ARG B 93 -5.29 26.06 11.87
CA ARG B 93 -6.15 27.25 11.69
C ARG B 93 -7.19 27.27 12.82
N MET B 94 -7.76 26.11 13.15
CA MET B 94 -8.76 25.94 14.24
C MET B 94 -8.12 26.36 15.57
N TYR B 95 -6.95 25.80 15.90
CA TYR B 95 -6.15 26.14 17.11
C TYR B 95 -6.01 27.65 17.22
N ALA B 96 -5.70 28.33 16.11
CA ALA B 96 -5.42 29.79 16.06
C ALA B 96 -6.71 30.61 16.28
N LYS B 97 -7.88 30.10 15.84
CA LYS B 97 -9.22 30.69 16.14
C LYS B 97 -9.55 30.49 17.62
N GLU B 98 -9.45 29.26 18.14
CA GLU B 98 -9.85 28.92 19.52
C GLU B 98 -9.10 29.78 20.53
N PHE B 99 -7.84 30.13 20.27
CA PHE B 99 -6.94 30.84 21.23
C PHE B 99 -6.51 32.20 20.68
N ASP B 100 -7.16 32.63 19.58
CA ASP B 100 -7.13 34.03 19.08
C ASP B 100 -5.66 34.45 18.93
N LEU B 101 -4.90 33.73 18.09
CA LEU B 101 -3.42 33.86 17.97
C LEU B 101 -3.06 34.75 16.78
N LEU B 102 -3.96 34.89 15.79
CA LEU B 102 -3.62 35.48 14.47
C LEU B 102 -3.29 36.98 14.60
N LYS B 103 -3.97 37.68 15.51
CA LYS B 103 -3.81 39.14 15.67
C LYS B 103 -2.40 39.47 16.17
N TYR B 104 -1.73 38.55 16.89
CA TYR B 104 -0.35 38.73 17.43
C TYR B 104 0.72 38.45 16.35
N ILE B 105 0.34 37.88 15.21
CA ILE B 105 1.26 37.62 14.05
C ILE B 105 1.32 38.90 13.20
N GLN B 106 2.53 39.34 12.85
CA GLN B 106 2.66 40.25 11.69
C GLN B 106 3.41 39.49 10.60
N PHE B 107 2.70 39.23 9.48
CA PHE B 107 3.17 38.40 8.35
C PHE B 107 4.10 39.23 7.46
N LYS B 108 4.71 38.58 6.46
CA LYS B 108 5.62 39.19 5.45
C LYS B 108 6.82 39.83 6.16
N THR B 109 7.14 39.38 7.38
CA THR B 109 8.19 40.00 8.24
C THR B 109 9.28 38.97 8.57
N THR B 110 10.49 39.15 8.03
CA THR B 110 11.67 38.26 8.23
C THR B 110 12.58 38.78 9.37
N VAL B 111 13.02 37.92 10.29
CA VAL B 111 13.97 38.30 11.38
C VAL B 111 15.39 38.12 10.85
N CYS B 112 16.14 39.23 10.74
CA CYS B 112 17.52 39.29 10.19
C CYS B 112 18.55 39.06 11.30
N SER B 113 18.39 39.71 12.46
CA SER B 113 19.38 39.68 13.56
C SER B 113 18.67 39.66 14.92
N VAL B 114 19.20 38.82 15.82
CA VAL B 114 18.90 38.84 17.28
C VAL B 114 20.25 38.78 18.02
N LYS B 115 20.63 39.95 18.57
CA LYS B 115 21.89 40.19 19.32
C LYS B 115 21.53 40.54 20.76
N LYS B 116 22.23 39.94 21.74
CA LYS B 116 22.13 40.34 23.16
C LYS B 116 22.54 41.82 23.23
N GLN B 117 21.86 42.61 24.07
CA GLN B 117 22.03 44.08 24.16
C GLN B 117 23.24 44.43 25.03
N PRO B 118 23.62 45.74 25.13
CA PRO B 118 24.75 46.14 25.96
C PRO B 118 24.58 45.72 27.44
N ASP B 119 23.36 45.89 27.98
CA ASP B 119 23.01 45.65 29.40
C ASP B 119 22.45 44.24 29.59
N PHE B 120 22.89 43.26 28.78
CA PHE B 120 22.30 41.89 28.71
C PHE B 120 22.53 41.14 30.03
N SER B 121 23.69 41.31 30.68
CA SER B 121 24.07 40.57 31.91
C SER B 121 23.15 40.92 33.09
N THR B 122 22.38 42.02 32.98
CA THR B 122 21.38 42.47 33.99
C THR B 122 19.96 42.51 33.39
N SER B 123 19.79 43.03 32.17
CA SER B 123 18.45 43.24 31.53
C SER B 123 17.96 41.98 30.83
N GLY B 124 18.86 41.18 30.27
CA GLY B 124 18.57 39.88 29.60
C GLY B 124 17.78 40.07 28.32
N GLN B 125 18.00 41.19 27.62
CA GLN B 125 17.10 41.66 26.54
C GLN B 125 17.81 41.52 25.20
N TRP B 126 17.04 41.38 24.12
CA TRP B 126 17.54 41.08 22.75
C TRP B 126 17.17 42.20 21.77
N GLU B 127 18.12 42.55 20.92
CA GLU B 127 17.86 43.47 19.77
C GLU B 127 17.39 42.61 18.60
N VAL B 128 16.08 42.61 18.34
CA VAL B 128 15.46 41.93 17.17
C VAL B 128 15.30 42.95 16.04
N VAL B 129 15.98 42.74 14.91
CA VAL B 129 15.86 43.58 13.68
C VAL B 129 15.13 42.74 12.62
N THR B 130 14.21 43.38 11.89
CA THR B 130 13.21 42.74 11.01
C THR B 130 12.91 43.65 9.81
N GLU B 131 13.06 43.15 8.59
CA GLU B 131 12.67 43.84 7.35
C GLU B 131 11.25 43.38 6.98
N CYS B 132 10.44 44.32 6.48
CA CYS B 132 9.03 44.09 6.09
C CYS B 132 8.70 44.84 4.80
N GLU B 133 8.77 44.12 3.67
CA GLU B 133 8.61 44.66 2.29
C GLU B 133 9.66 45.76 2.05
N GLY B 134 10.90 45.46 2.44
CA GLY B 134 12.11 46.22 2.07
C GLY B 134 12.58 47.16 3.15
N LYS B 135 11.72 47.58 4.10
CA LYS B 135 12.05 48.61 5.14
C LYS B 135 12.28 47.94 6.50
N LYS B 136 13.50 48.12 7.06
CA LYS B 136 13.96 47.59 8.38
C LYS B 136 13.09 48.15 9.51
N GLU B 137 13.24 47.59 10.71
CA GLU B 137 12.53 48.01 11.93
C GLU B 137 13.26 47.38 13.11
N VAL B 138 13.51 48.14 14.17
CA VAL B 138 14.29 47.65 15.34
C VAL B 138 13.37 47.68 16.55
N ASP B 139 13.53 46.71 17.44
CA ASP B 139 12.72 46.57 18.65
C ASP B 139 13.57 45.83 19.68
N VAL B 140 13.23 45.97 20.97
CA VAL B 140 13.89 45.24 22.09
C VAL B 140 12.84 44.29 22.67
N PHE B 141 13.29 43.14 23.19
CA PHE B 141 12.44 42.08 23.78
C PHE B 141 13.14 41.51 25.03
N ASP B 142 12.33 41.04 25.98
CA ASP B 142 12.76 40.47 27.29
C ASP B 142 13.09 38.99 27.10
N GLY B 143 12.63 38.38 26.00
CA GLY B 143 12.93 36.99 25.63
C GLY B 143 12.56 36.68 24.17
N VAL B 144 13.20 35.67 23.61
CA VAL B 144 12.98 35.26 22.20
C VAL B 144 12.75 33.74 22.17
N MET B 145 11.64 33.33 21.56
CA MET B 145 11.35 31.92 21.23
C MET B 145 11.56 31.72 19.72
N VAL B 146 12.57 30.92 19.34
CA VAL B 146 12.94 30.67 17.90
C VAL B 146 12.18 29.43 17.42
N CYS B 147 11.24 29.65 16.50
CA CYS B 147 10.38 28.61 15.90
C CYS B 147 10.47 28.63 14.37
N THR B 148 11.69 28.81 13.84
CA THR B 148 12.07 28.45 12.45
C THR B 148 12.15 26.92 12.48
N GLY B 149 11.86 26.22 11.40
CA GLY B 149 11.79 24.73 11.41
C GLY B 149 13.17 24.12 11.31
N HIS B 150 13.29 22.86 10.87
CA HIS B 150 14.60 22.28 10.46
C HIS B 150 14.47 21.41 9.20
N HIS B 151 13.39 21.58 8.42
CA HIS B 151 13.14 20.79 7.17
C HIS B 151 13.00 21.75 5.98
N THR B 152 13.74 22.86 6.04
CA THR B 152 13.70 23.99 5.09
C THR B 152 14.94 23.98 4.19
N ASN B 153 16.15 24.01 4.76
CA ASN B 153 17.37 24.14 3.94
C ASN B 153 17.80 22.77 3.42
N ALA B 154 17.58 22.52 2.12
CA ALA B 154 17.93 21.24 1.44
C ALA B 154 19.42 20.90 1.63
N HIS B 155 19.71 19.67 2.04
CA HIS B 155 21.05 19.04 2.02
C HIS B 155 21.18 18.25 0.70
N LEU B 156 21.91 18.82 -0.27
CA LEU B 156 22.06 18.23 -1.62
C LEU B 156 23.52 17.87 -1.84
N PRO B 157 23.97 16.71 -1.32
CA PRO B 157 25.40 16.37 -1.29
C PRO B 157 25.92 15.88 -2.65
N LEU B 158 25.99 16.79 -3.63
CA LEU B 158 26.42 16.48 -5.02
C LEU B 158 27.89 16.02 -5.03
N GLU B 159 28.69 16.50 -4.07
CA GLU B 159 30.16 16.23 -3.99
C GLU B 159 30.38 14.73 -3.88
N SER B 160 29.46 13.98 -3.24
CA SER B 160 29.63 12.53 -2.99
C SER B 160 28.94 11.73 -4.11
N PHE B 161 28.76 12.32 -5.28
CA PHE B 161 28.21 11.64 -6.48
C PHE B 161 29.03 12.09 -7.69
N PRO B 162 30.28 11.58 -7.83
CA PRO B 162 31.14 11.97 -8.94
C PRO B 162 30.43 11.63 -10.26
N GLY B 163 30.40 12.61 -11.17
CA GLY B 163 29.77 12.50 -12.49
C GLY B 163 28.32 12.95 -12.50
N ILE B 164 27.81 13.53 -11.41
CA ILE B 164 26.45 14.17 -11.40
C ILE B 164 26.49 15.44 -12.26
N GLU B 165 27.61 16.18 -12.22
CA GLU B 165 27.85 17.36 -13.10
C GLU B 165 27.68 16.95 -14.58
N LYS B 166 27.99 15.70 -14.92
CA LYS B 166 28.01 15.14 -16.31
C LYS B 166 26.62 14.64 -16.74
N PHE B 167 25.76 14.26 -15.79
CA PHE B 167 24.43 13.65 -16.03
C PHE B 167 23.56 14.60 -16.84
N LYS B 168 22.84 14.06 -17.82
CA LYS B 168 22.09 14.85 -18.86
C LYS B 168 20.57 14.66 -18.70
N GLY B 169 20.11 13.96 -17.69
CA GLY B 169 18.70 13.98 -17.27
C GLY B 169 18.46 15.11 -16.29
N GLN B 170 17.23 15.24 -15.77
CA GLN B 170 16.86 16.18 -14.68
C GLN B 170 17.29 15.55 -13.35
N TYR B 171 17.59 16.38 -12.37
CA TYR B 171 17.84 15.97 -10.97
C TYR B 171 17.47 17.16 -10.08
N PHE B 172 16.79 16.90 -8.98
CA PHE B 172 16.54 17.92 -7.93
C PHE B 172 16.36 17.25 -6.58
N HIS B 173 16.41 18.05 -5.51
CA HIS B 173 16.16 17.64 -4.11
C HIS B 173 14.67 17.32 -3.93
N SER B 174 14.33 16.47 -2.95
CA SER B 174 12.93 16.10 -2.59
C SER B 174 12.08 17.39 -2.44
N ARG B 175 12.66 18.41 -1.81
CA ARG B 175 12.10 19.78 -1.62
C ARG B 175 11.23 20.18 -2.82
N ASP B 176 11.77 20.02 -4.02
CA ASP B 176 11.21 20.55 -5.28
C ASP B 176 10.18 19.55 -5.87
N TYR B 177 10.07 18.32 -5.35
CA TYR B 177 9.08 17.33 -5.81
C TYR B 177 7.70 17.75 -5.33
N LYS B 178 6.67 17.58 -6.17
CA LYS B 178 5.27 18.01 -5.92
C LYS B 178 4.26 16.94 -6.41
N ASN B 179 4.47 16.35 -7.59
CA ASN B 179 3.49 15.41 -8.22
C ASN B 179 4.31 14.45 -9.07
N PRO B 180 3.79 13.23 -9.33
CA PRO B 180 4.51 12.26 -10.15
C PRO B 180 4.31 12.34 -11.66
N GLU B 181 3.33 13.10 -12.13
CA GLU B 181 2.92 13.16 -13.55
C GLU B 181 4.10 13.66 -14.40
N GLY B 182 5.05 14.43 -13.85
CA GLY B 182 6.31 14.82 -14.52
C GLY B 182 7.23 13.64 -14.85
N PHE B 183 6.89 12.42 -14.41
CA PHE B 183 7.77 11.23 -14.57
C PHE B 183 7.10 10.09 -15.34
N THR B 184 5.96 10.31 -15.98
CA THR B 184 5.24 9.23 -16.72
C THR B 184 6.24 8.56 -17.65
N GLY B 185 6.29 7.24 -17.65
CA GLY B 185 7.06 6.45 -18.64
C GLY B 185 8.56 6.72 -18.60
N LYS B 186 9.06 7.30 -17.51
CA LYS B 186 10.50 7.57 -17.31
C LYS B 186 11.12 6.54 -16.36
N ARG B 187 12.46 6.49 -16.33
CA ARG B 187 13.26 5.66 -15.39
C ARG B 187 13.89 6.63 -14.38
N VAL B 188 13.51 6.51 -13.11
CA VAL B 188 13.87 7.48 -12.04
C VAL B 188 14.61 6.77 -10.91
N ILE B 189 15.74 7.33 -10.49
CA ILE B 189 16.50 6.84 -9.31
C ILE B 189 16.19 7.80 -8.16
N ILE B 190 15.89 7.24 -6.98
CA ILE B 190 15.74 7.99 -5.70
C ILE B 190 17.00 7.72 -4.86
N ILE B 191 17.71 8.77 -4.49
CA ILE B 191 18.79 8.69 -3.46
C ILE B 191 18.15 8.93 -2.08
N GLY B 192 18.29 7.97 -1.17
CA GLY B 192 17.93 8.08 0.25
C GLY B 192 16.63 7.36 0.57
N ILE B 193 16.55 6.79 1.77
CA ILE B 193 15.37 5.99 2.22
C ILE B 193 14.92 6.50 3.59
N GLY B 194 14.94 7.83 3.77
CA GLY B 194 14.10 8.58 4.73
C GLY B 194 12.66 8.58 4.23
N ASN B 195 11.75 9.24 4.91
CA ASN B 195 10.30 9.11 4.57
C ASN B 195 10.02 9.77 3.20
N SER B 196 10.81 10.78 2.80
CA SER B 196 10.71 11.42 1.47
C SER B 196 11.12 10.39 0.41
N GLY B 197 12.30 9.79 0.55
CA GLY B 197 12.72 8.70 -0.34
C GLY B 197 11.60 7.72 -0.54
N GLY B 198 11.07 7.17 0.56
CA GLY B 198 10.01 6.13 0.56
C GLY B 198 8.78 6.62 -0.17
N ASP B 199 8.12 7.67 0.34
CA ASP B 199 6.92 8.31 -0.25
C ASP B 199 7.07 8.48 -1.76
N LEU B 200 8.18 9.04 -2.22
CA LEU B 200 8.41 9.35 -3.66
C LEU B 200 8.62 8.02 -4.42
N ALA B 201 9.41 7.10 -3.86
CA ALA B 201 9.68 5.79 -4.51
C ALA B 201 8.34 5.13 -4.86
N VAL B 202 7.36 5.12 -3.97
CA VAL B 202 6.05 4.43 -4.22
C VAL B 202 5.17 5.31 -5.12
N GLU B 203 5.06 6.60 -4.81
CA GLU B 203 4.19 7.52 -5.56
C GLU B 203 4.61 7.52 -7.04
N ILE B 204 5.89 7.77 -7.31
CA ILE B 204 6.43 7.96 -8.69
C ILE B 204 6.31 6.64 -9.44
N SER B 205 6.26 5.50 -8.72
CA SER B 205 6.18 4.16 -9.33
C SER B 205 4.77 3.90 -9.92
N HIS B 206 3.82 4.82 -9.71
CA HIS B 206 2.42 4.72 -10.21
C HIS B 206 2.35 5.16 -11.67
N THR B 207 3.22 6.09 -12.07
CA THR B 207 3.30 6.69 -13.44
C THR B 207 4.56 6.22 -14.19
N ALA B 208 5.69 6.08 -13.48
CA ALA B 208 7.05 5.90 -14.06
C ALA B 208 7.19 4.51 -14.69
N LYS B 209 8.10 4.36 -15.65
CA LYS B 209 8.35 3.06 -16.31
C LYS B 209 9.05 2.17 -15.29
N GLN B 210 10.08 2.70 -14.65
CA GLN B 210 10.80 2.04 -13.54
C GLN B 210 11.28 3.09 -12.54
N VAL B 211 11.07 2.84 -11.25
CA VAL B 211 11.73 3.55 -10.13
C VAL B 211 12.78 2.62 -9.51
N PHE B 212 13.98 3.13 -9.27
CA PHE B 212 15.02 2.50 -8.42
C PHE B 212 15.13 3.29 -7.10
N LEU B 213 15.01 2.59 -5.97
CA LEU B 213 15.19 3.15 -4.61
C LEU B 213 16.61 2.83 -4.11
N SER B 214 17.52 3.79 -4.23
CA SER B 214 18.97 3.61 -3.91
C SER B 214 19.17 4.00 -2.45
N THR B 215 19.63 3.06 -1.63
CA THR B 215 20.05 3.34 -0.22
C THR B 215 21.49 2.87 -0.01
N ARG B 216 22.30 3.69 0.66
CA ARG B 216 23.72 3.37 0.94
C ARG B 216 23.85 2.53 2.22
N ARG B 217 22.75 2.28 2.94
CA ARG B 217 22.72 1.61 4.26
C ARG B 217 21.70 0.46 4.32
N GLY B 218 20.59 0.61 3.60
CA GLY B 218 19.33 -0.09 3.89
C GLY B 218 18.55 0.60 4.99
N ALA B 219 17.40 0.06 5.38
CA ALA B 219 16.52 0.65 6.40
C ALA B 219 15.58 -0.40 6.95
N TRP B 220 15.33 -0.34 8.26
CA TRP B 220 14.20 -1.01 8.94
C TRP B 220 12.95 -0.18 8.66
N ILE B 221 11.84 -0.84 8.32
CA ILE B 221 10.67 -0.18 7.66
C ILE B 221 9.38 -0.59 8.36
N LEU B 222 8.70 0.40 8.92
CA LEU B 222 7.47 0.24 9.73
C LEU B 222 6.20 0.44 8.88
N ASN B 223 5.05 0.15 9.48
CA ASN B 223 3.69 0.31 8.90
C ASN B 223 2.84 1.09 9.91
N ARG B 224 2.19 2.18 9.50
CA ARG B 224 1.23 2.96 10.33
C ARG B 224 0.04 2.10 10.76
N VAL B 225 -0.43 1.23 9.86
CA VAL B 225 -1.53 0.28 10.15
C VAL B 225 -0.90 -0.85 10.98
N GLY B 226 -0.91 -0.69 12.31
CA GLY B 226 -0.32 -1.64 13.27
C GLY B 226 -1.26 -2.80 13.53
N ASP B 227 -1.04 -3.52 14.63
CA ASP B 227 -1.85 -4.71 15.02
C ASP B 227 -3.33 -4.32 15.07
N HIS B 228 -4.17 -5.15 14.42
CA HIS B 228 -5.64 -5.03 14.40
C HIS B 228 -6.03 -3.71 13.74
N GLY B 229 -5.09 -3.04 13.09
CA GLY B 229 -5.36 -1.79 12.34
C GLY B 229 -5.43 -0.59 13.26
N TYR B 230 -4.96 -0.74 14.49
CA TYR B 230 -4.72 0.42 15.39
C TYR B 230 -3.48 1.14 14.88
N PRO B 231 -3.47 2.48 14.90
CA PRO B 231 -2.26 3.26 14.66
C PRO B 231 -1.07 2.72 15.45
N PHE B 232 0.05 2.46 14.78
CA PHE B 232 1.27 1.85 15.37
C PHE B 232 1.78 2.71 16.53
N ASP B 233 1.60 4.03 16.53
CA ASP B 233 2.22 4.92 17.56
C ASP B 233 1.34 4.93 18.82
N VAL B 234 0.02 4.75 18.67
CA VAL B 234 -0.95 4.52 19.78
C VAL B 234 -0.57 3.23 20.53
N LEU B 235 0.02 2.26 19.83
CA LEU B 235 0.40 0.96 20.42
C LEU B 235 1.81 1.06 21.03
N PHE B 236 2.81 1.56 20.30
CA PHE B 236 4.24 1.54 20.71
C PHE B 236 4.43 2.57 21.83
N SER B 237 3.80 3.75 21.73
CA SER B 237 3.95 4.83 22.74
C SER B 237 2.85 4.73 23.81
N SER B 238 2.89 3.64 24.60
CA SER B 238 2.08 3.45 25.83
C SER B 238 3.02 3.21 27.00
N ARG B 239 2.80 3.90 28.13
CA ARG B 239 3.66 3.76 29.35
C ARG B 239 3.97 2.28 29.64
N PHE B 240 3.02 1.36 29.39
CA PHE B 240 3.18 -0.10 29.60
C PHE B 240 4.27 -0.67 28.68
N THR B 241 4.18 -0.39 27.38
CA THR B 241 5.20 -0.76 26.37
C THR B 241 6.54 -0.15 26.80
N TYR B 242 6.51 1.10 27.29
CA TYR B 242 7.69 1.85 27.79
C TYR B 242 8.37 1.04 28.89
N PHE B 243 7.60 0.57 29.88
CA PHE B 243 8.10 -0.14 31.07
C PHE B 243 8.61 -1.51 30.62
N LEU B 244 7.86 -2.23 29.79
CA LEU B 244 8.33 -3.51 29.20
C LEU B 244 9.68 -3.31 28.49
N SER B 245 9.82 -2.24 27.72
CA SER B 245 11.07 -1.92 26.98
C SER B 245 12.21 -1.72 27.99
N LYS B 246 11.92 -1.07 29.12
CA LYS B 246 12.94 -0.59 30.09
C LYS B 246 13.55 -1.79 30.82
N ILE B 247 12.75 -2.77 31.22
CA ILE B 247 13.23 -3.99 31.93
C ILE B 247 13.99 -4.89 30.92
N CYS B 248 13.57 -4.94 29.66
CA CYS B 248 14.14 -5.86 28.61
C CYS B 248 15.47 -5.37 28.04
N GLY B 249 15.78 -4.06 28.11
CA GLY B 249 16.99 -3.45 27.54
C GLY B 249 16.87 -3.18 26.04
N GLN B 250 17.83 -2.46 25.47
CA GLN B 250 17.80 -2.06 24.03
C GLN B 250 17.84 -3.30 23.14
N SER B 251 18.92 -4.09 23.19
CA SER B 251 19.17 -5.20 22.22
C SER B 251 17.96 -6.14 22.13
N LEU B 252 17.22 -6.35 23.23
CA LEU B 252 16.05 -7.25 23.24
C LEU B 252 14.84 -6.53 22.60
N SER B 253 14.52 -5.32 23.05
CA SER B 253 13.54 -4.41 22.38
C SER B 253 13.75 -4.46 20.86
N ASN B 254 14.99 -4.19 20.41
CA ASN B 254 15.40 -4.21 18.98
C ASN B 254 14.96 -5.53 18.32
N THR B 255 15.31 -6.66 18.95
CA THR B 255 15.08 -8.00 18.38
C THR B 255 13.58 -8.23 18.27
N PHE B 256 12.80 -7.63 19.18
CA PHE B 256 11.31 -7.68 19.14
C PHE B 256 10.83 -6.93 17.88
N LEU B 257 11.17 -5.64 17.79
CA LEU B 257 10.80 -4.71 16.68
C LEU B 257 11.25 -5.29 15.33
N GLU B 258 12.50 -5.72 15.21
CA GLU B 258 13.06 -6.28 13.95
C GLU B 258 12.30 -7.55 13.54
N LYS B 259 12.02 -8.44 14.50
CA LYS B 259 11.33 -9.72 14.22
C LYS B 259 9.89 -9.40 13.81
N LYS B 260 9.31 -8.35 14.42
CA LYS B 260 7.96 -7.82 14.09
C LYS B 260 7.96 -7.37 12.61
N MET B 261 8.92 -6.51 12.24
CA MET B 261 9.02 -5.92 10.87
C MET B 261 9.27 -7.04 9.86
N ASN B 262 10.05 -8.05 10.21
CA ASN B 262 10.35 -9.19 9.29
C ASN B 262 9.11 -10.02 9.02
N GLN B 263 8.22 -10.21 10.00
CA GLN B 263 6.96 -10.97 9.82
C GLN B 263 6.16 -10.32 8.68
N ARG B 264 6.09 -8.99 8.63
CA ARG B 264 5.45 -8.22 7.53
C ARG B 264 6.15 -8.54 6.20
N PHE B 265 7.46 -8.31 6.14
CA PHE B 265 8.35 -8.73 5.03
C PHE B 265 9.80 -8.82 5.53
N ASP B 266 10.51 -9.87 5.11
CA ASP B 266 11.90 -10.19 5.51
C ASP B 266 12.86 -9.20 4.83
N HIS B 267 13.43 -8.29 5.60
CA HIS B 267 14.23 -7.16 5.07
C HIS B 267 15.44 -7.67 4.28
N GLU B 268 15.93 -8.87 4.60
CA GLU B 268 17.06 -9.51 3.90
C GLU B 268 16.61 -9.90 2.48
N MET B 269 15.51 -10.66 2.36
CA MET B 269 15.01 -11.18 1.07
C MET B 269 14.69 -9.98 0.18
N PHE B 270 14.10 -8.94 0.77
CA PHE B 270 13.64 -7.71 0.06
C PHE B 270 14.80 -6.76 -0.25
N GLY B 271 15.97 -7.04 0.33
CA GLY B 271 17.23 -6.37 -0.01
C GLY B 271 17.37 -5.06 0.75
N LEU B 272 16.53 -4.86 1.77
CA LEU B 272 16.45 -3.59 2.52
C LEU B 272 17.22 -3.70 3.84
N LYS B 273 17.69 -4.89 4.25
CA LYS B 273 18.21 -5.08 5.63
C LYS B 273 19.52 -4.35 5.82
N PRO B 274 19.64 -3.49 6.87
CA PRO B 274 20.87 -2.80 7.19
C PRO B 274 21.68 -3.46 8.32
N LYS B 275 22.95 -3.06 8.42
CA LYS B 275 23.90 -3.55 9.44
C LYS B 275 23.52 -3.00 10.82
N HIS B 276 22.70 -1.94 10.91
CA HIS B 276 22.36 -1.29 12.20
C HIS B 276 21.07 -1.91 12.72
N ARG B 277 20.64 -1.52 13.92
CA ARG B 277 19.44 -2.04 14.63
C ARG B 277 18.26 -1.07 14.47
N ALA B 278 17.04 -1.54 14.75
CA ALA B 278 15.77 -0.82 14.58
C ALA B 278 15.88 0.59 15.16
N LEU B 279 16.24 0.67 16.44
CA LEU B 279 16.24 1.94 17.23
C LEU B 279 17.55 2.73 17.02
N SER B 280 18.45 2.27 16.15
CA SER B 280 19.69 2.98 15.77
C SER B 280 19.45 3.92 14.59
N GLN B 281 18.22 3.99 14.04
CA GLN B 281 17.90 4.88 12.88
C GLN B 281 16.56 5.59 13.07
N HIS B 282 16.42 6.78 12.52
CA HIS B 282 15.09 7.46 12.55
C HIS B 282 14.12 6.57 11.78
N PRO B 283 12.94 6.28 12.34
CA PRO B 283 12.00 5.35 11.72
C PRO B 283 11.55 5.81 10.32
N THR B 284 11.69 4.91 9.35
CA THR B 284 11.13 5.07 7.99
C THR B 284 9.82 4.29 7.99
N VAL B 285 8.71 4.99 7.79
CA VAL B 285 7.33 4.42 7.82
C VAL B 285 6.78 4.40 6.39
N ASN B 286 6.47 3.22 5.87
CA ASN B 286 5.84 3.08 4.54
C ASN B 286 5.15 1.72 4.42
N ASP B 287 3.81 1.71 4.46
CA ASP B 287 2.98 0.48 4.41
C ASP B 287 2.90 -0.01 2.97
N ASP B 288 3.17 0.86 1.99
CA ASP B 288 2.83 0.58 0.57
C ASP B 288 4.11 0.06 -0.12
N LEU B 289 5.29 0.36 0.40
CA LEU B 289 6.58 0.10 -0.28
C LEU B 289 6.78 -1.39 -0.56
N PRO B 290 6.52 -2.30 0.38
CA PRO B 290 6.77 -3.73 0.15
C PRO B 290 6.02 -4.29 -1.07
N ASN B 291 4.73 -3.96 -1.18
CA ASN B 291 3.84 -4.36 -2.31
C ASN B 291 4.40 -3.80 -3.63
N ARG B 292 5.03 -2.62 -3.64
CA ARG B 292 5.58 -2.03 -4.90
C ARG B 292 6.87 -2.77 -5.23
N ILE B 293 7.64 -3.19 -4.21
CA ILE B 293 8.94 -3.87 -4.40
C ILE B 293 8.67 -5.27 -4.98
N ILE B 294 7.60 -5.93 -4.53
CA ILE B 294 7.38 -7.35 -4.93
C ILE B 294 6.87 -7.43 -6.38
N SER B 295 6.46 -6.28 -6.95
CA SER B 295 5.94 -6.10 -8.33
C SER B 295 7.00 -5.53 -9.27
N GLY B 296 8.17 -5.17 -8.76
CA GLY B 296 9.30 -4.68 -9.58
C GLY B 296 9.18 -3.20 -9.93
N LEU B 297 8.10 -2.52 -9.53
CA LEU B 297 7.85 -1.11 -9.93
C LEU B 297 8.73 -0.19 -9.09
N VAL B 298 9.13 -0.66 -7.90
CA VAL B 298 10.29 -0.11 -7.14
C VAL B 298 11.34 -1.22 -7.05
N LYS B 299 12.58 -0.91 -7.43
CA LYS B 299 13.73 -1.83 -7.39
C LYS B 299 14.72 -1.30 -6.35
N VAL B 300 14.91 -2.04 -5.26
CA VAL B 300 15.87 -1.66 -4.19
C VAL B 300 17.29 -1.77 -4.75
N LYS B 301 18.07 -0.69 -4.68
CA LYS B 301 19.49 -0.64 -5.11
C LYS B 301 20.37 -0.19 -3.94
N GLY B 302 21.66 -0.51 -4.03
CA GLY B 302 22.68 0.08 -3.14
C GLY B 302 22.94 1.53 -3.51
N ASN B 303 24.06 2.12 -3.06
CA ASN B 303 24.42 3.53 -3.36
C ASN B 303 24.92 3.66 -4.81
N VAL B 304 24.60 4.79 -5.44
CA VAL B 304 25.18 5.22 -6.73
C VAL B 304 26.60 5.70 -6.42
N LYS B 305 27.59 5.13 -7.12
CA LYS B 305 29.05 5.38 -6.95
C LYS B 305 29.46 6.46 -7.96
N GLU B 306 28.82 6.49 -9.12
CA GLU B 306 29.22 7.37 -10.25
C GLU B 306 28.02 7.53 -11.19
N PHE B 307 27.75 8.75 -11.66
CA PHE B 307 26.81 9.02 -12.79
C PHE B 307 27.59 9.25 -14.10
N THR B 308 27.03 8.78 -15.23
CA THR B 308 27.50 9.12 -16.61
C THR B 308 26.47 10.06 -17.23
N GLU B 309 26.51 10.30 -18.55
CA GLU B 309 25.52 11.15 -19.26
C GLU B 309 24.15 10.48 -19.19
N THR B 310 24.14 9.18 -19.03
CA THR B 310 23.01 8.29 -19.35
C THR B 310 22.65 7.42 -18.14
N ALA B 311 23.61 7.09 -17.26
CA ALA B 311 23.50 5.92 -16.33
C ALA B 311 23.99 6.24 -14.92
N ALA B 312 23.64 5.35 -13.99
CA ALA B 312 24.21 5.26 -12.63
C ALA B 312 25.03 3.98 -12.54
N ILE B 313 26.23 4.06 -11.98
CA ILE B 313 27.04 2.88 -11.56
C ILE B 313 26.84 2.72 -10.05
N PHE B 314 26.59 1.50 -9.58
CA PHE B 314 26.25 1.20 -8.16
C PHE B 314 27.43 0.55 -7.41
N GLU B 315 27.46 0.69 -6.08
CA GLU B 315 28.65 0.35 -5.24
C GLU B 315 29.05 -1.11 -5.48
N ASP B 316 28.14 -1.92 -6.04
CA ASP B 316 28.33 -3.37 -6.29
C ASP B 316 28.63 -3.65 -7.77
N GLY B 317 28.90 -2.60 -8.56
CA GLY B 317 29.36 -2.74 -9.95
C GLY B 317 28.24 -2.99 -10.94
N SER B 318 27.03 -3.31 -10.47
CA SER B 318 25.80 -3.26 -11.31
C SER B 318 25.66 -1.84 -11.90
N ARG B 319 24.94 -1.74 -13.01
CA ARG B 319 24.76 -0.47 -13.73
C ARG B 319 23.28 -0.42 -14.10
N GLU B 320 22.70 0.77 -14.22
CA GLU B 320 21.33 0.96 -14.74
C GLU B 320 21.38 2.09 -15.77
N ASP B 321 20.78 1.86 -16.92
CA ASP B 321 21.00 2.68 -18.14
C ASP B 321 19.74 3.49 -18.42
N ASP B 322 19.88 4.51 -19.27
CA ASP B 322 18.76 5.28 -19.85
C ASP B 322 17.94 5.85 -18.69
N ILE B 323 18.62 6.50 -17.75
CA ILE B 323 18.02 7.11 -16.53
C ILE B 323 17.63 8.55 -16.85
N ASP B 324 16.34 8.83 -16.82
CA ASP B 324 15.78 10.14 -17.21
C ASP B 324 15.96 11.17 -16.09
N ALA B 325 15.91 10.77 -14.82
CA ALA B 325 15.77 11.70 -13.68
C ALA B 325 16.28 11.08 -12.37
N VAL B 326 16.88 11.92 -11.53
CA VAL B 326 17.42 11.51 -10.21
C VAL B 326 16.85 12.48 -9.18
N ILE B 327 16.22 11.97 -8.12
CA ILE B 327 15.71 12.82 -7.01
C ILE B 327 16.52 12.49 -5.77
N PHE B 328 17.17 13.49 -5.21
CA PHE B 328 17.94 13.46 -3.95
C PHE B 328 16.98 13.71 -2.77
N ALA B 329 16.46 12.62 -2.21
CA ALA B 329 15.73 12.60 -0.93
C ALA B 329 16.78 12.43 0.16
N THR B 330 17.77 13.32 0.16
CA THR B 330 18.97 13.28 1.03
C THR B 330 18.77 14.16 2.28
N GLY B 331 17.57 14.73 2.47
CA GLY B 331 17.20 15.33 3.76
C GLY B 331 17.70 16.75 3.89
N TYR B 332 17.71 17.30 5.10
CA TYR B 332 17.78 18.75 5.36
C TYR B 332 18.85 19.06 6.41
N SER B 333 19.36 20.29 6.35
CA SER B 333 20.25 20.90 7.36
C SER B 333 19.53 22.11 7.93
N PHE B 334 19.84 22.47 9.17
CA PHE B 334 19.25 23.66 9.81
C PHE B 334 20.38 24.62 10.15
N ALA B 335 20.02 25.87 10.42
CA ALA B 335 20.95 26.94 10.85
C ALA B 335 20.16 28.14 11.34
N PHE B 336 20.87 29.11 11.94
CA PHE B 336 20.30 30.37 12.45
C PHE B 336 21.16 31.51 11.95
N PRO B 337 20.90 32.00 10.70
CA PRO B 337 21.57 33.19 10.15
C PRO B 337 21.45 34.45 11.03
N PHE B 338 20.33 34.59 11.73
CA PHE B 338 20.00 35.73 12.63
C PHE B 338 20.63 35.53 14.02
N LEU B 339 21.27 34.40 14.29
CA LEU B 339 21.77 34.06 15.65
C LEU B 339 23.24 33.59 15.58
N GLU B 340 24.04 34.08 14.63
CA GLU B 340 25.42 33.56 14.41
C GLU B 340 26.30 33.91 15.63
N ASP B 341 26.11 35.11 16.18
CA ASP B 341 26.72 35.66 17.42
C ASP B 341 26.52 34.72 18.63
N SER B 342 25.33 34.11 18.77
CA SER B 342 24.86 33.40 20.00
C SER B 342 24.97 31.87 19.83
N VAL B 343 24.40 31.33 18.74
CA VAL B 343 24.12 29.87 18.58
C VAL B 343 24.85 29.32 17.35
N LYS B 344 25.77 28.37 17.55
CA LYS B 344 26.67 27.83 16.50
C LYS B 344 26.19 26.43 16.07
N VAL B 345 25.93 26.26 14.77
CA VAL B 345 25.41 25.02 14.14
C VAL B 345 26.32 24.70 12.96
N VAL B 346 26.94 23.52 12.99
CA VAL B 346 27.86 23.03 11.92
C VAL B 346 27.54 21.55 11.65
N LYS B 347 27.09 21.28 10.43
CA LYS B 347 26.62 19.93 10.02
C LYS B 347 25.73 19.36 11.15
N ASN B 348 24.74 20.18 11.55
CA ASN B 348 23.53 19.83 12.34
C ASN B 348 23.93 19.51 13.79
N LYS B 349 25.17 19.83 14.16
CA LYS B 349 25.64 19.71 15.56
C LYS B 349 25.45 21.08 16.21
N VAL B 350 24.55 21.14 17.20
CA VAL B 350 24.33 22.33 18.07
C VAL B 350 24.46 21.88 19.53
N SER B 351 24.82 22.77 20.43
CA SER B 351 24.81 22.51 21.90
C SER B 351 23.70 23.35 22.56
N LEU B 352 22.65 22.67 23.05
CA LEU B 352 21.45 23.26 23.71
C LEU B 352 20.98 22.35 24.88
N TYR B 353 20.82 22.90 26.08
CA TYR B 353 20.36 22.18 27.29
C TYR B 353 18.89 21.74 27.10
N LYS B 354 18.64 20.44 27.04
CA LYS B 354 17.29 19.86 26.78
C LYS B 354 16.81 20.25 25.37
N LYS B 355 17.76 20.57 24.49
CA LYS B 355 17.58 20.89 23.05
C LYS B 355 17.00 22.29 22.88
N VAL B 356 16.87 23.05 23.97
CA VAL B 356 16.12 24.33 24.01
C VAL B 356 17.06 25.51 24.31
N PHE B 357 17.84 25.45 25.39
CA PHE B 357 18.57 26.62 25.97
C PHE B 357 20.05 26.59 25.63
N PRO B 358 20.60 27.70 25.08
CA PRO B 358 22.04 27.84 24.98
C PRO B 358 22.57 27.89 26.42
N PRO B 359 23.66 27.16 26.72
CA PRO B 359 24.09 26.99 28.11
C PRO B 359 24.91 28.18 28.62
N ASN B 360 25.42 29.00 27.68
CA ASN B 360 26.44 30.05 27.88
C ASN B 360 25.74 31.41 27.93
N LEU B 361 24.53 31.48 28.49
CA LEU B 361 23.71 32.71 28.54
C LEU B 361 23.61 33.18 29.99
N GLU B 362 23.97 34.45 30.24
CA GLU B 362 23.94 35.09 31.58
C GLU B 362 22.47 35.19 32.04
N LYS B 363 21.53 35.26 31.10
CA LYS B 363 20.07 35.16 31.36
C LYS B 363 19.49 34.03 30.50
N PRO B 364 18.54 33.22 31.02
CA PRO B 364 17.85 32.20 30.23
C PRO B 364 16.65 32.76 29.43
N THR B 365 16.91 33.65 28.46
CA THR B 365 15.86 34.43 27.76
C THR B 365 15.85 34.17 26.24
N LEU B 366 16.53 33.10 25.79
CA LEU B 366 16.51 32.63 24.37
C LEU B 366 16.22 31.13 24.34
N ALA B 367 14.99 30.77 23.99
CA ALA B 367 14.51 29.37 23.83
C ALA B 367 14.50 28.99 22.34
N ILE B 368 14.95 27.77 22.02
CA ILE B 368 14.86 27.16 20.66
C ILE B 368 13.77 26.08 20.70
N ILE B 369 12.66 26.32 20.00
CA ILE B 369 11.41 25.50 20.06
C ILE B 369 11.29 24.60 18.82
N GLY B 370 11.19 23.29 19.02
CA GLY B 370 10.85 22.33 17.96
C GLY B 370 12.07 21.87 17.19
N LEU B 371 13.28 22.02 17.75
CA LEU B 371 14.56 21.53 17.18
C LEU B 371 14.85 20.17 17.79
N ILE B 372 14.02 19.20 17.46
CA ILE B 372 14.11 17.78 17.91
C ILE B 372 13.60 16.89 16.77
N GLN B 373 14.11 15.65 16.69
CA GLN B 373 13.62 14.60 15.77
C GLN B 373 13.09 13.46 16.63
N PRO B 374 11.83 13.55 17.10
CA PRO B 374 11.29 12.58 18.05
C PRO B 374 10.81 11.31 17.34
N LEU B 375 10.87 10.14 17.99
CA LEU B 375 10.08 8.96 17.56
C LEU B 375 8.62 9.21 17.99
N GLY B 376 8.00 10.23 17.40
CA GLY B 376 6.71 10.82 17.83
C GLY B 376 6.41 12.11 17.12
N ALA B 377 5.41 12.88 17.56
CA ALA B 377 5.00 14.15 16.92
C ALA B 377 5.83 15.28 17.51
N ILE B 378 6.19 16.30 16.71
CA ILE B 378 6.95 17.48 17.20
C ILE B 378 6.00 18.43 17.94
N MET B 379 4.82 18.71 17.39
CA MET B 379 3.87 19.74 17.92
C MET B 379 3.76 19.59 19.43
N PRO B 380 3.43 18.39 19.98
CA PRO B 380 3.24 18.24 21.42
C PRO B 380 4.49 18.50 22.27
N ILE B 381 5.69 18.24 21.72
CA ILE B 381 7.01 18.48 22.37
C ILE B 381 7.32 20.00 22.38
N SER B 382 7.13 20.68 21.25
CA SER B 382 7.26 22.15 21.09
C SER B 382 6.40 22.85 22.16
N GLU B 383 5.19 22.38 22.36
CA GLU B 383 4.21 22.95 23.33
C GLU B 383 4.81 22.85 24.74
N LEU B 384 5.19 21.63 25.17
CA LEU B 384 5.82 21.42 26.49
C LEU B 384 7.10 22.27 26.57
N GLN B 385 7.92 22.27 25.53
CA GLN B 385 9.13 23.14 25.46
C GLN B 385 8.72 24.58 25.75
N GLY B 386 7.55 25.00 25.23
CA GLY B 386 7.02 26.37 25.32
C GLY B 386 6.48 26.68 26.70
N ARG B 387 5.80 25.72 27.32
CA ARG B 387 5.30 25.88 28.71
C ARG B 387 6.51 26.15 29.61
N TRP B 388 7.47 25.23 29.61
CA TRP B 388 8.77 25.33 30.33
C TRP B 388 9.46 26.66 30.06
N ALA B 389 9.70 26.95 28.78
CA ALA B 389 10.47 28.13 28.31
C ALA B 389 9.92 29.40 28.95
N THR B 390 8.60 29.64 28.86
CA THR B 390 7.93 30.86 29.34
C THR B 390 8.02 30.93 30.88
N GLN B 391 8.08 29.78 31.55
CA GLN B 391 8.21 29.73 33.03
C GLN B 391 9.60 30.25 33.41
N VAL B 392 10.65 29.84 32.70
CA VAL B 392 12.04 30.26 33.07
C VAL B 392 12.25 31.72 32.65
N PHE B 393 11.43 32.26 31.72
CA PHE B 393 11.46 33.69 31.31
C PHE B 393 10.96 34.57 32.46
N LYS B 394 9.98 34.06 33.19
CA LYS B 394 9.58 34.77 34.42
C LYS B 394 10.61 34.28 35.45
N GLY B 395 10.19 33.91 36.65
CA GLY B 395 11.19 33.39 37.60
C GLY B 395 10.73 32.09 38.21
N LEU B 396 9.65 31.55 37.66
CA LEU B 396 8.99 30.32 38.17
C LEU B 396 9.95 29.13 38.13
N LYS B 397 10.80 29.06 37.10
CA LYS B 397 11.75 27.93 37.00
C LYS B 397 13.14 28.49 36.68
N THR B 398 14.18 27.71 36.94
CA THR B 398 15.59 28.14 36.84
C THR B 398 16.43 27.01 36.21
N LEU B 399 17.50 27.36 35.50
CA LEU B 399 18.42 26.37 34.86
C LEU B 399 19.54 26.00 35.83
N PRO B 400 20.16 24.81 35.71
CA PRO B 400 21.41 24.51 36.41
C PRO B 400 22.54 25.48 36.01
N SER B 401 23.68 25.41 36.70
CA SER B 401 24.89 26.23 36.39
C SER B 401 25.39 25.85 34.99
N GLN B 402 26.10 26.77 34.33
CA GLN B 402 26.69 26.57 32.97
C GLN B 402 27.39 25.19 32.94
N SER B 403 28.32 24.93 33.86
CA SER B 403 29.23 23.75 33.82
C SER B 403 28.44 22.44 33.83
N GLU B 404 27.34 22.38 34.59
CA GLU B 404 26.58 21.12 34.78
C GLU B 404 25.58 20.97 33.63
N MET B 405 25.12 22.08 33.04
CA MET B 405 24.35 22.06 31.75
C MET B 405 25.22 21.37 30.69
N MET B 406 26.49 21.76 30.59
CA MET B 406 27.38 21.35 29.48
C MET B 406 27.76 19.88 29.65
N ALA B 407 27.74 19.34 30.87
CA ALA B 407 28.01 17.91 31.11
C ALA B 407 26.83 17.09 30.56
N GLU B 408 25.60 17.59 30.74
CA GLU B 408 24.34 16.90 30.32
C GLU B 408 24.23 16.97 28.80
N ILE B 409 24.44 18.15 28.23
CA ILE B 409 24.57 18.36 26.76
C ILE B 409 25.56 17.32 26.20
N SER B 410 26.77 17.25 26.74
CA SER B 410 27.84 16.31 26.25
C SER B 410 27.41 14.87 26.46
N LYS B 411 26.79 14.56 27.61
CA LYS B 411 26.25 13.21 27.92
C LYS B 411 25.21 12.84 26.85
N ALA B 412 24.33 13.78 26.46
CA ALA B 412 23.25 13.54 25.47
C ALA B 412 23.87 13.25 24.09
N GLN B 413 24.80 14.10 23.65
CA GLN B 413 25.47 13.96 22.34
C GLN B 413 26.19 12.61 22.32
N GLU B 414 26.80 12.23 23.44
CA GLU B 414 27.62 11.01 23.60
C GLU B 414 26.75 9.76 23.40
N GLU B 415 25.65 9.61 24.15
CA GLU B 415 24.87 8.35 24.10
C GLU B 415 24.04 8.35 22.80
N MET B 416 23.61 9.52 22.34
CA MET B 416 22.96 9.63 21.01
C MET B 416 23.93 9.06 19.96
N ALA B 417 25.21 9.43 20.02
CA ALA B 417 26.25 8.98 19.06
C ALA B 417 26.52 7.48 19.20
N LYS B 418 26.39 6.92 20.40
CA LYS B 418 26.60 5.46 20.67
C LYS B 418 25.45 4.67 20.04
N ARG B 419 24.22 5.21 20.19
CA ARG B 419 22.94 4.57 19.79
C ARG B 419 22.71 4.65 18.27
N TYR B 420 22.79 5.86 17.69
CA TYR B 420 22.33 6.16 16.32
C TYR B 420 23.48 6.08 15.31
N VAL B 421 23.17 5.58 14.11
CA VAL B 421 24.09 5.57 12.92
C VAL B 421 24.62 6.99 12.72
N ASP B 422 25.93 7.11 12.41
CA ASP B 422 26.69 8.39 12.41
C ASP B 422 26.36 9.15 11.11
N SER B 423 25.38 10.06 11.18
CA SER B 423 24.85 10.83 10.03
C SER B 423 24.29 12.15 10.54
N GLN B 424 24.35 13.18 9.67
CA GLN B 424 23.80 14.54 9.85
C GLN B 424 22.36 14.59 10.45
N ARG B 425 21.50 13.61 10.15
CA ARG B 425 20.06 13.71 10.53
C ARG B 425 19.82 13.10 11.92
N HIS B 426 20.83 12.46 12.49
CA HIS B 426 20.77 11.79 13.81
C HIS B 426 21.55 12.63 14.86
N THR B 427 21.46 13.95 14.79
CA THR B 427 22.12 14.89 15.74
C THR B 427 21.14 15.40 16.81
N ILE B 428 19.83 15.18 16.67
CA ILE B 428 18.83 15.77 17.60
C ILE B 428 17.71 14.76 17.91
N GLN B 429 18.00 13.45 17.84
CA GLN B 429 16.99 12.38 18.04
C GLN B 429 16.45 12.47 19.46
N GLY B 430 15.13 12.36 19.63
CA GLY B 430 14.47 12.16 20.93
C GLY B 430 13.54 10.97 20.88
N ASP B 431 13.31 10.32 22.02
CA ASP B 431 12.17 9.37 22.20
C ASP B 431 10.97 10.18 22.71
N TYR B 432 9.75 9.77 22.34
CA TYR B 432 8.52 10.57 22.60
C TYR B 432 8.25 10.59 24.10
N ILE B 433 8.00 9.43 24.71
CA ILE B 433 7.64 9.35 26.15
C ILE B 433 8.78 9.97 26.96
N ASP B 434 10.02 9.51 26.78
CA ASP B 434 11.19 10.04 27.54
C ASP B 434 11.13 11.57 27.51
N THR B 435 10.94 12.17 26.34
CA THR B 435 11.04 13.63 26.12
C THR B 435 9.86 14.35 26.79
N MET B 436 8.63 13.89 26.53
CA MET B 436 7.41 14.47 27.13
C MET B 436 7.55 14.49 28.66
N GLU B 437 7.89 13.34 29.28
CA GLU B 437 8.15 13.20 30.74
C GLU B 437 9.25 14.18 31.17
N GLU B 438 10.40 14.17 30.50
CA GLU B 438 11.57 15.03 30.83
C GLU B 438 11.10 16.47 30.99
N ILE B 439 10.41 17.01 29.99
CA ILE B 439 10.02 18.45 29.95
C ILE B 439 8.82 18.65 30.90
N ALA B 440 7.91 17.68 30.97
CA ALA B 440 6.74 17.73 31.87
C ALA B 440 7.22 17.90 33.32
N ASP B 441 8.24 17.13 33.69
CA ASP B 441 8.85 17.12 35.06
C ASP B 441 9.39 18.53 35.38
N LEU B 442 10.06 19.18 34.43
CA LEU B 442 10.63 20.55 34.59
C LEU B 442 9.50 21.58 34.77
N VAL B 443 8.33 21.38 34.15
CA VAL B 443 7.18 22.31 34.26
C VAL B 443 6.36 21.91 35.50
N GLY B 444 6.54 20.68 36.00
CA GLY B 444 5.78 20.12 37.15
C GLY B 444 4.35 19.77 36.77
N VAL B 445 4.19 19.15 35.59
CA VAL B 445 2.87 18.77 34.99
C VAL B 445 2.89 17.27 34.63
N ARG B 446 3.99 16.57 34.93
CA ARG B 446 4.03 15.10 34.84
C ARG B 446 2.86 14.58 35.68
N PRO B 447 1.97 13.70 35.13
CA PRO B 447 0.83 13.22 35.89
C PRO B 447 1.33 12.23 36.94
N ASN B 448 0.80 12.40 38.15
CA ASN B 448 1.11 11.56 39.34
C ASN B 448 0.29 10.28 39.23
N LEU B 449 0.84 9.28 38.55
CA LEU B 449 0.11 8.07 38.10
C LEU B 449 0.00 7.06 39.26
N LEU B 450 0.96 7.10 40.20
CA LEU B 450 0.99 6.33 41.47
C LEU B 450 -0.14 6.79 42.41
N SER B 451 -0.26 8.11 42.63
CA SER B 451 -1.35 8.73 43.41
C SER B 451 -2.70 8.33 42.78
N LEU B 452 -2.87 8.61 41.49
CA LEU B 452 -4.14 8.39 40.75
C LEU B 452 -4.55 6.92 40.86
N ALA B 453 -3.59 5.99 40.90
CA ALA B 453 -3.86 4.55 41.14
C ALA B 453 -4.92 4.43 42.23
N PHE B 454 -4.79 5.19 43.32
CA PHE B 454 -5.67 5.15 44.53
C PHE B 454 -6.78 6.22 44.41
N THR B 455 -6.48 7.44 43.95
CA THR B 455 -7.46 8.56 43.85
C THR B 455 -8.46 8.32 42.70
N ASP B 456 -8.15 7.45 41.73
CA ASP B 456 -8.94 7.30 40.46
C ASP B 456 -8.41 6.13 39.63
N PRO B 457 -8.84 4.87 39.89
CA PRO B 457 -8.19 3.71 39.28
C PRO B 457 -8.54 3.55 37.78
N LYS B 458 -9.69 4.10 37.35
CA LYS B 458 -10.20 3.99 35.95
C LYS B 458 -9.28 4.79 35.01
N LEU B 459 -9.08 6.08 35.32
CA LEU B 459 -8.16 7.01 34.62
C LEU B 459 -6.76 6.41 34.65
N ALA B 460 -6.24 6.14 35.86
CA ALA B 460 -4.91 5.53 36.13
C ALA B 460 -4.63 4.40 35.13
N LEU B 461 -5.61 3.51 34.93
CA LEU B 461 -5.49 2.37 33.99
C LEU B 461 -5.23 2.88 32.56
N LYS B 462 -6.11 3.73 32.01
CA LYS B 462 -5.95 4.32 30.64
C LYS B 462 -4.57 4.96 30.50
N LEU B 463 -4.17 5.80 31.45
CA LEU B 463 -2.89 6.54 31.42
C LEU B 463 -1.73 5.55 31.21
N PHE B 464 -1.85 4.34 31.76
CA PHE B 464 -0.75 3.36 31.81
C PHE B 464 -0.84 2.37 30.63
N PHE B 465 -1.98 1.70 30.48
CA PHE B 465 -2.15 0.56 29.53
C PHE B 465 -2.53 1.09 28.15
N GLY B 466 -3.14 2.28 28.07
CA GLY B 466 -3.52 2.97 26.82
C GLY B 466 -2.38 3.81 26.25
N PRO B 467 -2.63 4.56 25.15
CA PRO B 467 -1.59 5.40 24.54
C PRO B 467 -1.21 6.60 25.42
N CYS B 468 0.07 6.98 25.42
CA CYS B 468 0.60 8.15 26.19
C CYS B 468 0.28 9.45 25.44
N THR B 469 -1.03 9.69 25.22
CA THR B 469 -1.61 10.86 24.52
C THR B 469 -1.05 12.14 25.17
N PRO B 470 -0.84 13.25 24.44
CA PRO B 470 -0.42 14.51 25.06
C PRO B 470 -1.36 15.10 26.13
N VAL B 471 -2.68 14.87 26.03
CA VAL B 471 -3.73 15.45 26.94
C VAL B 471 -3.40 15.09 28.39
N GLN B 472 -2.80 13.91 28.60
CA GLN B 472 -2.18 13.39 29.84
C GLN B 472 -1.49 14.50 30.65
N TYR B 473 -0.79 15.42 30.00
CA TYR B 473 0.06 16.47 30.63
C TYR B 473 -0.73 17.77 30.84
N ARG B 474 -2.06 17.71 30.79
CA ARG B 474 -2.96 18.85 31.09
C ARG B 474 -3.90 18.43 32.22
N LEU B 475 -3.51 17.38 32.97
CA LEU B 475 -4.30 16.77 34.07
C LEU B 475 -4.06 17.60 35.34
N GLN B 476 -2.79 17.64 35.79
CA GLN B 476 -2.28 18.32 37.01
C GLN B 476 -1.25 19.39 36.62
N GLY B 477 -0.80 20.16 37.62
CA GLY B 477 0.29 21.16 37.50
C GLY B 477 -0.17 22.47 36.87
N PRO B 478 0.76 23.43 36.67
CA PRO B 478 0.43 24.78 36.20
C PRO B 478 -0.78 24.93 35.26
N GLY B 479 -0.71 24.40 34.05
CA GLY B 479 -1.68 24.73 32.98
C GLY B 479 -2.96 23.89 33.03
N LYS B 480 -3.07 22.94 33.97
CA LYS B 480 -4.26 22.11 34.28
C LYS B 480 -5.46 22.49 33.38
N TRP B 481 -6.03 21.52 32.65
CA TRP B 481 -7.24 21.65 31.79
C TRP B 481 -8.42 20.85 32.35
N ASP B 482 -9.59 21.46 32.48
CA ASP B 482 -10.73 20.84 33.19
C ASP B 482 -11.19 19.62 32.40
N GLY B 483 -11.30 19.69 31.06
CA GLY B 483 -11.81 18.61 30.18
C GLY B 483 -10.79 17.53 29.78
N ALA B 484 -9.62 17.48 30.43
CA ALA B 484 -8.55 16.50 30.15
C ALA B 484 -9.06 15.08 30.41
N ARG B 485 -9.45 14.79 31.64
CA ARG B 485 -9.87 13.43 32.09
C ARG B 485 -10.97 12.91 31.18
N LYS B 486 -11.98 13.73 30.86
CA LYS B 486 -13.09 13.34 29.95
C LYS B 486 -12.47 12.86 28.63
N THR B 487 -11.67 13.71 27.98
CA THR B 487 -11.12 13.40 26.64
C THR B 487 -10.23 12.15 26.77
N ILE B 488 -9.39 12.07 27.80
CA ILE B 488 -8.41 10.95 27.93
C ILE B 488 -9.17 9.62 27.93
N LEU B 489 -10.32 9.57 28.59
CA LEU B 489 -11.13 8.32 28.73
C LEU B 489 -11.79 7.97 27.38
N THR B 490 -12.32 8.97 26.65
CA THR B 490 -13.01 8.79 25.33
C THR B 490 -12.01 8.67 24.16
N THR B 491 -10.72 8.42 24.40
CA THR B 491 -9.65 8.40 23.35
C THR B 491 -9.93 7.27 22.34
N GLU B 492 -10.37 6.09 22.79
CA GLU B 492 -10.75 4.96 21.90
C GLU B 492 -11.84 5.42 20.92
N ASP B 493 -12.88 6.09 21.40
CA ASP B 493 -14.05 6.49 20.58
C ASP B 493 -13.59 7.28 19.36
N ARG B 494 -12.69 8.23 19.60
CA ARG B 494 -12.16 9.17 18.58
C ARG B 494 -11.28 8.41 17.57
N ILE B 495 -10.54 7.39 18.00
CA ILE B 495 -9.80 6.50 17.06
C ILE B 495 -10.78 5.75 16.16
N ARG B 496 -11.92 5.31 16.68
CA ARG B 496 -12.90 4.48 15.94
C ARG B 496 -13.88 5.37 15.16
N LYS B 497 -14.18 6.60 15.60
CA LYS B 497 -15.28 7.41 15.02
C LYS B 497 -15.17 7.45 13.50
N PRO B 498 -13.97 7.74 12.93
CA PRO B 498 -13.84 7.97 11.49
C PRO B 498 -13.74 6.69 10.63
N LEU B 499 -13.81 5.51 11.25
CA LEU B 499 -13.60 4.18 10.62
C LEU B 499 -14.90 3.40 10.58
N MET B 500 -15.80 3.60 11.55
CA MET B 500 -17.15 2.99 11.54
C MET B 500 -18.04 3.93 10.73
N THR B 501 -17.87 3.91 9.40
CA THR B 501 -18.63 4.69 8.39
C THR B 501 -19.67 3.79 7.69
N ARG B 502 -19.67 2.49 8.04
CA ARG B 502 -20.58 1.43 7.55
C ARG B 502 -21.05 0.59 8.75
N VAL B 503 -22.35 0.26 8.79
CA VAL B 503 -23.06 -0.46 9.89
C VAL B 503 -22.56 -1.91 9.95
N ILE B 504 -22.36 -2.44 11.15
CA ILE B 504 -21.85 -3.83 11.39
C ILE B 504 -22.97 -4.71 11.98
N GLU B 505 -23.61 -4.28 13.08
CA GLU B 505 -24.54 -5.08 13.93
C GLU B 505 -25.63 -5.75 13.08
PA FAD C . -9.42 -14.19 -22.56
O1A FAD C . -10.53 -13.20 -22.49
O2A FAD C . -8.08 -13.71 -22.10
O5B FAD C . -9.28 -14.70 -24.08
C5B FAD C . -10.42 -14.77 -24.96
C4B FAD C . -10.01 -14.47 -26.39
O4B FAD C . -11.08 -14.91 -27.28
C3B FAD C . -9.79 -12.98 -26.70
O3B FAD C . -8.56 -12.72 -27.38
C2B FAD C . -11.09 -12.60 -27.44
O2B FAD C . -10.91 -11.56 -28.37
C1B FAD C . -11.39 -13.88 -28.20
N9A FAD C . -12.78 -14.06 -28.65
C8A FAD C . -13.93 -13.68 -28.02
N7A FAD C . -15.02 -14.03 -28.67
C5A FAD C . -14.55 -14.69 -29.79
C6A FAD C . -15.21 -15.31 -30.87
N6A FAD C . -16.53 -15.41 -30.96
N1A FAD C . -14.43 -15.90 -31.81
C2A FAD C . -13.10 -15.83 -31.68
N3A FAD C . -12.38 -15.28 -30.72
C4A FAD C . -13.17 -14.72 -29.78
N1 FAD C . -6.94 -14.60 -13.43
C2 FAD C . -5.90 -15.14 -12.74
O2 FAD C . -5.67 -16.35 -12.75
N3 FAD C . -5.06 -14.35 -11.99
C4 FAD C . -5.22 -12.99 -11.92
O4 FAD C . -4.46 -12.34 -11.22
C4X FAD C . -6.29 -12.40 -12.66
N5 FAD C . -6.46 -11.09 -12.65
C5X FAD C . -7.48 -10.54 -13.39
C6 FAD C . -7.65 -9.14 -13.37
C7 FAD C . -8.66 -8.52 -14.06
C7M FAD C . -8.77 -7.01 -14.02
C8 FAD C . -9.58 -9.30 -14.79
C8M FAD C . -10.70 -8.63 -15.54
C9 FAD C . -9.41 -10.69 -14.85
C9A FAD C . -8.38 -11.34 -14.14
N10 FAD C . -8.17 -12.72 -14.11
C10 FAD C . -7.13 -13.30 -13.41
C1' FAD C . -9.03 -13.61 -14.92
C2' FAD C . -8.56 -13.64 -16.34
O2' FAD C . -9.71 -13.68 -17.18
C3' FAD C . -7.64 -14.83 -16.64
O3' FAD C . -6.43 -14.77 -15.90
C4' FAD C . -7.27 -14.92 -18.11
O4' FAD C . -7.59 -13.67 -18.71
C5' FAD C . -7.99 -16.01 -18.86
O5' FAD C . -7.82 -15.74 -20.26
P FAD C . -8.58 -16.64 -21.35
O1P FAD C . -7.61 -16.86 -22.45
O2P FAD C . -9.13 -17.85 -20.68
O3P FAD C . -9.72 -15.61 -21.85
PA NAP D . -16.68 -9.31 -9.16
O1A NAP D . -17.90 -9.91 -9.83
O2A NAP D . -15.90 -10.04 -8.13
O5B NAP D . -17.10 -7.97 -8.41
C5B NAP D . -18.49 -7.76 -8.14
C4B NAP D . -18.74 -6.86 -6.93
O4B NAP D . -19.90 -6.04 -7.14
C3B NAP D . -19.07 -7.65 -5.68
O3B NAP D . -18.59 -6.93 -4.53
C2B NAP D . -20.59 -7.79 -5.79
O2B NAP D . -21.24 -8.30 -4.60
C1B NAP D . -20.96 -6.40 -6.25
N9A NAP D . -22.26 -6.36 -6.95
C8A NAP D . -22.58 -7.11 -8.03
N7A NAP D . -23.84 -6.86 -8.44
C5A NAP D . -24.35 -5.94 -7.59
C6A NAP D . -25.64 -5.28 -7.47
N6A NAP D . -26.56 -5.63 -8.40
N1A NAP D . -25.81 -4.37 -6.48
C2A NAP D . -24.83 -4.08 -5.61
N3A NAP D . -23.60 -4.67 -5.64
C4A NAP D . -23.31 -5.60 -6.61
O3 NAP D . -15.75 -8.92 -10.39
PN NAP D . -14.60 -7.81 -10.51
O1N NAP D . -13.96 -7.53 -9.18
O2N NAP D . -15.12 -6.63 -11.39
O5D NAP D . -13.60 -8.72 -11.39
C5D NAP D . -13.87 -10.04 -11.84
C4D NAP D . -12.57 -10.85 -11.92
O4D NAP D . -11.46 -10.00 -12.18
C3D NAP D . -12.18 -11.63 -10.66
O3D NAP D . -11.74 -12.94 -11.06
C2D NAP D . -10.99 -10.96 -10.03
O2D NAP D . -10.11 -11.97 -9.49
C1D NAP D . -10.39 -10.27 -11.25
N1N NAP D . -9.64 -9.04 -10.98
C2N NAP D . -8.35 -9.14 -10.71
C3N NAP D . -7.61 -8.01 -10.51
C7N NAP D . -6.16 -8.09 -10.20
O7N NAP D . -5.72 -7.26 -9.42
N7N NAP D . -5.40 -9.01 -10.80
C4N NAP D . -8.20 -6.77 -10.57
C5N NAP D . -9.55 -6.68 -10.86
C6N NAP D . -10.25 -7.85 -11.08
P2B NAP D . -21.66 -9.87 -4.46
O1X NAP D . -20.67 -10.48 -3.44
O2X NAP D . -23.07 -9.68 -3.94
O3X NAP D . -21.63 -10.50 -5.85
C1B LMT E . 3.91 -22.06 6.17
C2B LMT E . 2.85 -22.39 5.10
C3B LMT E . 3.33 -23.49 4.15
C4B LMT E . 4.59 -24.24 4.63
C5B LMT E . 4.68 -24.42 6.17
C6B LMT E . 5.97 -25.08 6.71
O1B LMT E . 3.36 -21.06 7.04
O2B LMT E . 1.56 -22.74 5.64
O3B LMT E . 3.57 -22.88 2.88
O4' LMT E . 4.49 -25.52 3.98
O5B LMT E . 4.46 -23.18 6.91
O6B LMT E . 7.17 -24.79 5.95
C1' LMT E . 2.14 -19.47 10.33
C2' LMT E . 2.99 -20.70 10.69
C3' LMT E . 3.59 -21.25 9.38
C4' LMT E . 2.58 -21.39 8.21
C5' LMT E . 1.33 -20.45 8.21
C6' LMT E . 0.07 -21.03 7.51
O1' LMT E . 1.76 -18.69 11.50
O2' LMT E . 4.03 -20.34 11.63
O3' LMT E . 4.27 -22.49 9.56
O5' LMT E . 1.02 -20.00 9.56
O6' LMT E . -0.33 -20.35 6.29
C1 LMT E . 2.47 -17.45 11.75
C2 LMT E . 1.74 -16.55 12.77
C3 LMT E . 1.57 -15.08 12.34
N1 EPE F . -9.91 -25.94 0.59
C2 EPE F . -10.07 -25.58 2.03
C3 EPE F . -9.28 -24.33 2.37
N4 EPE F . -7.85 -24.50 2.05
C5 EPE F . -7.75 -24.73 0.57
C6 EPE F . -8.53 -25.94 0.05
C7 EPE F . -6.94 -23.38 2.50
C8 EPE F . -7.22 -22.60 3.81
O8 EPE F . -6.16 -22.71 4.79
C9 EPE F . -10.46 -27.28 0.40
C10 EPE F . -11.89 -27.32 0.93
S EPE F . -12.51 -28.76 0.44
O1S EPE F . -13.76 -29.09 1.19
O2S EPE F . -11.47 -29.79 0.68
O3S EPE F . -12.76 -28.73 -1.02
C1 GLC G . -13.98 -32.74 10.13
C2 GLC G . -12.99 -32.46 11.30
C3 GLC G . -13.64 -32.14 12.67
C4 GLC G . -14.78 -31.11 12.45
C5 GLC G . -15.83 -31.68 11.45
C6 GLC G . -17.14 -30.85 11.30
O1 GLC G . -14.37 -34.13 10.02
O2 GLC G . -12.01 -33.52 11.42
O3 GLC G . -12.67 -31.68 13.63
O4 GLC G . -15.33 -30.69 13.71
O5 GLC G . -15.18 -31.88 10.16
O6 GLC G . -16.96 -29.74 10.40
C1 GLC H . -11.09 7.17 -18.11
C2 GLC H . -11.17 8.61 -17.53
C3 GLC H . -12.61 9.05 -17.22
C4 GLC H . -13.56 8.65 -18.36
C5 GLC H . -13.48 7.13 -18.58
C6 GLC H . -14.55 6.48 -19.48
O1 GLC H . -11.14 6.17 -17.09
O2 GLC H . -10.32 8.81 -16.37
O3 GLC H . -12.68 10.48 -16.98
O4 GLC H . -14.90 9.05 -18.05
O5 GLC H . -12.14 6.88 -19.07
O6 GLC H . -15.23 7.42 -20.32
PA FAD I . 7.82 24.99 10.31
O1A FAD I . 8.87 24.83 9.27
O2A FAD I . 6.43 24.46 10.10
O5B FAD I . 7.70 26.55 10.68
C5B FAD I . 8.69 27.55 10.29
C4B FAD I . 8.01 28.87 10.07
O4B FAD I . 8.96 29.93 10.36
C3B FAD I . 7.49 29.16 8.65
O3B FAD I . 6.22 29.82 8.65
C2B FAD I . 8.59 30.04 8.06
O2B FAD I . 8.12 30.85 7.01
C1B FAD I . 9.00 30.84 9.30
N9A FAD I . 10.34 31.42 9.29
C8A FAD I . 11.54 30.78 9.03
N7A FAD I . 12.57 31.58 9.16
C5A FAD I . 12.02 32.80 9.56
C6A FAD I . 12.59 34.04 9.88
N6A FAD I . 13.89 34.28 9.90
N1A FAD I . 11.74 35.04 10.27
C2A FAD I . 10.42 34.80 10.27
N3A FAD I . 9.78 33.68 9.98
C4A FAD I . 10.65 32.71 9.65
N1 FAD I . 6.76 15.89 12.09
C2 FAD I . 5.90 15.15 12.85
O2 FAD I . 5.85 15.28 14.07
N3 FAD I . 5.07 14.23 12.29
C4 FAD I . 5.04 14.02 10.93
O4 FAD I . 4.28 13.18 10.48
C4X FAD I . 5.88 14.81 10.10
N5 FAD I . 5.84 14.65 8.80
C5X FAD I . 6.64 15.44 8.02
C6 FAD I . 6.58 15.28 6.62
C7 FAD I . 7.36 16.00 5.76
C7M FAD I . 7.22 15.81 4.27
C8 FAD I . 8.27 16.93 6.29
C8M FAD I . 9.15 17.74 5.36
C9 FAD I . 8.35 17.11 7.68
C9A FAD I . 7.54 16.37 8.57
N10 FAD I . 7.58 16.52 9.97
C10 FAD I . 6.74 15.75 10.77
C1' FAD I . 8.51 17.47 10.62
C2' FAD I . 8.02 18.92 10.61
O2' FAD I . 9.14 19.77 10.84
C3' FAD I . 6.94 19.18 11.66
O3' FAD I . 5.80 18.41 11.33
C4' FAD I . 6.44 20.61 11.84
O4' FAD I . 5.90 21.11 10.61
C5' FAD I . 7.50 21.56 12.32
O5' FAD I . 6.84 22.81 12.67
P FAD I . 7.75 24.04 13.09
O1P FAD I . 6.81 25.15 13.48
O2P FAD I . 8.79 23.49 14.03
O3P FAD I . 8.44 24.40 11.68
PA NAP J . 16.19 12.27 5.98
O1A NAP J . 17.31 13.24 6.31
O2A NAP J . 15.38 11.63 7.05
O5B NAP J . 16.83 11.05 5.18
C5B NAP J . 17.73 11.31 4.11
C4B NAP J . 18.17 10.07 3.36
O4B NAP J . 19.21 10.47 2.45
C3B NAP J . 18.76 9.03 4.29
O3B NAP J . 18.50 7.71 3.78
C2B NAP J . 20.24 9.38 4.26
O2B NAP J . 21.12 8.34 4.70
C1B NAP J . 20.40 9.73 2.79
N9A NAP J . 21.63 10.48 2.55
C8A NAP J . 21.98 11.64 3.18
N7A NAP J . 23.17 12.06 2.69
C5A NAP J . 23.53 11.17 1.74
C6A NAP J . 24.65 11.04 0.85
N6A NAP J . 25.59 11.98 0.95
N1A NAP J . 24.72 10.00 -0.01
C2A NAP J . 23.74 9.08 -0.06
N3A NAP J . 22.68 9.17 0.74
C4A NAP J . 22.52 10.16 1.64
O3 NAP J . 15.29 13.17 4.93
PN NAP J . 13.71 13.07 4.52
O1N NAP J . 13.44 11.67 3.86
O2N NAP J . 13.43 14.34 3.75
O5D NAP J . 13.09 13.36 5.98
C5D NAP J . 12.92 14.69 6.51
C4D NAP J . 11.94 14.70 7.70
O4D NAP J . 10.57 14.93 7.29
C3D NAP J . 12.01 13.35 8.46
O3D NAP J . 11.76 13.47 9.85
C2D NAP J . 10.84 12.60 7.91
O2D NAP J . 10.39 11.72 8.92
C1D NAP J . 9.83 13.70 7.58
N1N NAP J . 8.97 13.24 6.48
C2N NAP J . 7.73 12.75 6.73
C3N NAP J . 6.92 12.30 5.68
C7N NAP J . 5.55 11.78 5.90
O7N NAP J . 5.21 10.81 5.25
N7N NAP J . 4.75 12.36 6.76
C4N NAP J . 7.37 12.33 4.37
C5N NAP J . 8.63 12.82 4.13
C6N NAP J . 9.42 13.28 5.21
P2B NAP J . 21.76 8.27 6.18
O1X NAP J . 20.99 7.20 6.94
O2X NAP J . 23.18 7.89 5.84
O3X NAP J . 21.57 9.66 6.74
N1 EPE K . 13.03 3.90 24.74
C2 EPE K . 13.14 2.44 24.49
C3 EPE K . 12.25 2.04 23.31
N4 EPE K . 10.84 2.46 23.51
C5 EPE K . 10.71 3.94 23.70
C6 EPE K . 11.64 4.43 24.80
C7 EPE K . 9.99 2.03 22.34
C8 EPE K . 10.16 0.60 21.80
O8 EPE K . 9.62 -0.39 22.69
C9 EPE K . 13.80 4.18 25.98
C10 EPE K . 15.18 4.66 25.53
S EPE K . 16.34 4.48 26.71
O1S EPE K . 17.33 5.59 26.69
O2S EPE K . 17.05 3.20 26.41
O3S EPE K . 15.66 4.47 28.04
#